data_3QI7
#
_entry.id   3QI7
#
_cell.length_a   50.886
_cell.length_b   102.479
_cell.length_c   154.102
_cell.angle_alpha   90.000
_cell.angle_beta   90.000
_cell.angle_gamma   90.000
#
_symmetry.space_group_name_H-M   'P 21 21 21'
#
loop_
_entity.id
_entity.type
_entity.pdbx_description
1 polymer 'Putative transcriptional regulator'
2 water water
#
_entity_poly.entity_id   1
_entity_poly.type   'polypeptide(L)'
_entity_poly.pdbx_seq_one_letter_code
;GGKKDKEKIIDDFKVAVVTQPLSENKVQYN(MSE)VEE(MSE)AKEYEEENKIDKDKDGQTKVKQTIKHVVLPENFTSNI
DSAINKIVKLADDKEVQAIVVSTDQAGLLPALQKVKEKRPEIITISAP(MSE)GDDKNQLSQFVDVNLGVSAEERGKVLA
ERSKE(MSE)GAKAFIHYASTDDLKDVNIAKRLE(MSE)IKETCKNIGLPFVQVNTPNINTEEDKNKVKQFLNEDIEKQV
KKYGKDINVFGVNEY(MSE)DEVILTKALELKYIVAEQSNPSPIQTYPSV(MSE)GLKISEKDAQNYDKIND(MSE)ISE
KAKAFG(MSE)SNRLGGYP(MSE)P(MSE)DAFLPSLAIYLATE(MSE)VKQDLTQEDVCDPDYLEAFTELRFGIGSEFT
PLTEVLYNYQSVILSQLIY
;
_entity_poly.pdbx_strand_id   A,B
#
# COMPACT_ATOMS: atom_id res chain seq x y z
N ILE A 9 3.35 -37.87 -14.60
CA ILE A 9 1.93 -37.40 -14.53
C ILE A 9 1.35 -37.49 -13.11
N ILE A 10 1.27 -36.35 -12.43
CA ILE A 10 0.62 -36.25 -11.11
C ILE A 10 -0.82 -36.82 -11.16
N ASP A 11 -1.15 -37.70 -10.21
CA ASP A 11 -2.50 -38.26 -10.10
C ASP A 11 -3.55 -37.16 -9.85
N ASP A 12 -4.75 -37.38 -10.34
CA ASP A 12 -5.86 -36.52 -9.98
C ASP A 12 -6.00 -36.51 -8.46
N PHE A 13 -6.35 -35.38 -7.88
CA PHE A 13 -6.25 -35.27 -6.43
C PHE A 13 -7.40 -34.52 -5.79
N LYS A 14 -7.51 -34.65 -4.48
CA LYS A 14 -8.49 -33.85 -3.70
C LYS A 14 -7.77 -32.88 -2.75
N VAL A 15 -8.32 -31.68 -2.65
CA VAL A 15 -7.94 -30.73 -1.62
C VAL A 15 -9.09 -30.69 -0.61
N ALA A 16 -8.85 -31.23 0.58
CA ALA A 16 -9.88 -31.24 1.60
C ALA A 16 -9.86 -29.88 2.31
N VAL A 17 -11.04 -29.32 2.55
CA VAL A 17 -11.18 -28.02 3.18
C VAL A 17 -12.17 -28.13 4.33
N VAL A 18 -11.68 -27.86 5.55
CA VAL A 18 -12.47 -27.98 6.76
C VAL A 18 -12.96 -26.61 7.21
N THR A 19 -14.27 -26.47 7.36
CA THR A 19 -14.85 -25.26 7.88
C THR A 19 -15.88 -25.58 8.95
N GLN A 20 -16.29 -24.55 9.70
CA GLN A 20 -17.50 -24.63 10.51
C GLN A 20 -18.75 -24.67 9.60
N PRO A 21 -19.89 -25.09 10.15
CA PRO A 21 -21.09 -25.19 9.33
C PRO A 21 -21.64 -23.84 8.93
N LEU A 22 -22.49 -23.89 7.90
CA LEU A 22 -23.08 -22.69 7.30
C LEU A 22 -23.71 -21.82 8.38
N SER A 23 -24.38 -22.46 9.34
CA SER A 23 -25.07 -21.75 10.43
C SER A 23 -24.15 -20.91 11.31
N GLU A 24 -22.86 -21.22 11.32
CA GLU A 24 -21.87 -20.58 12.19
C GLU A 24 -20.93 -19.63 11.43
N ASN A 25 -20.37 -20.10 10.29
CA ASN A 25 -19.41 -19.33 9.47
C ASN A 25 -19.85 -19.30 8.00
N LYS A 26 -20.82 -18.46 7.68
CA LYS A 26 -21.44 -18.47 6.37
C LYS A 26 -20.46 -18.12 5.26
N VAL A 27 -19.63 -17.13 5.51
CA VAL A 27 -18.70 -16.66 4.50
C VAL A 27 -17.67 -17.75 4.13
N GLN A 28 -17.03 -18.35 5.13
CA GLN A 28 -16.08 -19.42 4.91
C GLN A 28 -16.73 -20.60 4.18
N TYR A 29 -17.94 -20.96 4.64
CA TYR A 29 -18.64 -22.13 4.09
C TYR A 29 -18.97 -21.95 2.61
N ASN A 30 -19.57 -20.80 2.31
CA ASN A 30 -19.96 -20.51 0.95
C ASN A 30 -18.78 -20.23 0.00
N MSE A 31 -17.68 -19.65 0.49
CA MSE A 31 -16.50 -19.49 -0.36
CA MSE A 31 -16.50 -19.48 -0.37
C MSE A 31 -15.95 -20.84 -0.81
O MSE A 31 -15.66 -21.04 -1.99
CB MSE A 31 -15.39 -18.71 0.36
CB MSE A 31 -15.41 -18.65 0.31
CG MSE A 31 -15.39 -17.22 0.11
CG MSE A 31 -14.05 -18.62 -0.42
SE MSE A 31 -14.94 -16.66 -1.70
SE MSE A 31 -14.15 -18.05 -2.29
CE MSE A 31 -13.93 -18.24 -2.29
CE MSE A 31 -15.15 -16.39 -2.00
N VAL A 32 -15.79 -21.78 0.14
CA VAL A 32 -15.37 -23.14 -0.18
C VAL A 32 -16.30 -23.80 -1.21
N GLU A 33 -17.60 -23.61 -1.04
CA GLU A 33 -18.56 -24.18 -1.97
C GLU A 33 -18.40 -23.59 -3.37
N GLU A 34 -18.15 -22.28 -3.41
CA GLU A 34 -17.91 -21.58 -4.65
C GLU A 34 -16.66 -22.10 -5.34
N MSE A 35 -15.61 -22.31 -4.58
CA MSE A 35 -14.37 -22.81 -5.17
C MSE A 35 -14.54 -24.25 -5.67
O MSE A 35 -13.98 -24.62 -6.70
CB MSE A 35 -13.24 -22.74 -4.16
CG MSE A 35 -12.94 -21.32 -3.64
SE MSE A 35 -11.61 -20.45 -4.75
CE MSE A 35 -10.05 -21.50 -4.32
N ALA A 36 -15.30 -25.05 -4.94
CA ALA A 36 -15.67 -26.39 -5.38
C ALA A 36 -16.31 -26.39 -6.76
N LYS A 37 -17.27 -25.50 -6.96
CA LYS A 37 -17.98 -25.37 -8.24
C LYS A 37 -17.01 -24.91 -9.34
N GLU A 38 -16.16 -23.96 -9.04
CA GLU A 38 -15.13 -23.47 -9.98
CA GLU A 38 -15.21 -23.50 -10.04
C GLU A 38 -14.27 -24.63 -10.47
N TYR A 39 -13.80 -25.45 -9.54
CA TYR A 39 -12.94 -26.58 -9.89
C TYR A 39 -13.75 -27.61 -10.71
N GLU A 40 -15.02 -27.80 -10.39
CA GLU A 40 -15.86 -28.72 -11.19
C GLU A 40 -15.90 -28.27 -12.64
N GLU A 41 -16.08 -26.99 -12.86
CA GLU A 41 -16.10 -26.42 -14.22
C GLU A 41 -14.76 -26.57 -14.96
N GLU A 42 -13.67 -26.28 -14.27
CA GLU A 42 -12.33 -26.49 -14.81
C GLU A 42 -12.15 -27.94 -15.26
N ASN A 43 -12.66 -28.86 -14.46
CA ASN A 43 -12.49 -30.27 -14.75
C ASN A 43 -13.28 -30.75 -15.99
N LYS A 44 -14.18 -29.92 -16.52
CA LYS A 44 -14.93 -30.27 -17.74
C LYS A 44 -14.11 -30.04 -19.02
N ILE A 45 -13.09 -29.19 -18.96
CA ILE A 45 -12.20 -28.93 -20.10
C ILE A 45 -11.03 -29.90 -20.02
N ASP A 46 -10.94 -30.82 -20.98
CA ASP A 46 -9.93 -31.89 -20.96
C ASP A 46 -8.49 -31.38 -21.19
N LYS A 47 -8.32 -30.35 -22.03
CA LYS A 47 -6.99 -29.83 -22.38
C LYS A 47 -7.06 -28.32 -22.61
N THR A 53 -3.15 -32.34 -21.70
CA THR A 53 -4.09 -32.89 -20.73
C THR A 53 -3.87 -32.28 -19.36
N LYS A 54 -4.98 -31.84 -18.77
CA LYS A 54 -5.00 -31.22 -17.46
C LYS A 54 -5.09 -32.29 -16.38
N VAL A 55 -4.36 -32.08 -15.28
CA VAL A 55 -4.57 -32.85 -14.08
C VAL A 55 -5.90 -32.37 -13.48
N LYS A 56 -6.63 -33.25 -12.82
CA LYS A 56 -7.93 -32.87 -12.24
C LYS A 56 -7.84 -32.69 -10.73
N GLN A 57 -8.49 -31.64 -10.24
CA GLN A 57 -8.54 -31.37 -8.81
C GLN A 57 -9.98 -31.09 -8.41
N THR A 58 -10.37 -31.59 -7.25
CA THR A 58 -11.69 -31.29 -6.65
C THR A 58 -11.49 -30.91 -5.18
N ILE A 59 -12.48 -30.22 -4.65
CA ILE A 59 -12.46 -29.84 -3.26
C ILE A 59 -13.36 -30.80 -2.50
N LYS A 60 -12.86 -31.34 -1.39
CA LYS A 60 -13.68 -32.08 -0.48
C LYS A 60 -13.99 -31.23 0.73
N HIS A 61 -15.21 -30.72 0.79
CA HIS A 61 -15.64 -29.87 1.89
C HIS A 61 -16.04 -30.69 3.13
N VAL A 62 -15.26 -30.56 4.19
CA VAL A 62 -15.49 -31.25 5.45
C VAL A 62 -16.08 -30.26 6.45
N VAL A 63 -17.23 -30.60 7.03
CA VAL A 63 -17.97 -29.69 7.90
C VAL A 63 -17.84 -30.14 9.35
N LEU A 64 -17.30 -29.27 10.18
CA LEU A 64 -17.16 -29.58 11.60
C LEU A 64 -18.53 -29.65 12.28
N PRO A 65 -18.63 -30.41 13.38
CA PRO A 65 -19.84 -30.39 14.18
C PRO A 65 -20.10 -28.97 14.69
N GLU A 66 -21.36 -28.63 14.92
CA GLU A 66 -21.68 -27.37 15.59
C GLU A 66 -21.00 -27.33 16.95
N ASN A 67 -20.52 -26.16 17.34
CA ASN A 67 -19.98 -25.95 18.69
C ASN A 67 -18.85 -26.94 18.91
N PHE A 68 -17.94 -27.01 17.94
CA PHE A 68 -16.98 -28.12 17.85
C PHE A 68 -16.02 -28.25 19.04
N THR A 69 -15.68 -27.13 19.67
CA THR A 69 -14.82 -27.15 20.89
C THR A 69 -15.52 -27.93 22.04
N SER A 70 -16.85 -27.95 22.05
CA SER A 70 -17.61 -28.80 22.97
C SER A 70 -17.83 -30.22 22.47
N ASN A 71 -17.34 -30.51 21.27
CA ASN A 71 -17.45 -31.84 20.67
C ASN A 71 -16.13 -32.17 20.00
N ILE A 72 -15.04 -31.91 20.72
CA ILE A 72 -13.72 -31.87 20.15
C ILE A 72 -13.21 -33.20 19.54
N ASP A 73 -13.60 -34.33 20.12
CA ASP A 73 -13.13 -35.62 19.63
C ASP A 73 -13.78 -36.02 18.30
N SER A 74 -15.07 -35.73 18.17
CA SER A 74 -15.76 -35.98 16.91
C SER A 74 -15.17 -35.08 15.81
N ALA A 75 -14.83 -33.84 16.16
CA ALA A 75 -14.26 -32.89 15.18
C ALA A 75 -12.88 -33.38 14.74
N ILE A 76 -12.07 -33.80 15.70
CA ILE A 76 -10.74 -34.32 15.41
C ILE A 76 -10.79 -35.57 14.54
N ASN A 77 -11.63 -36.53 14.94
CA ASN A 77 -11.79 -37.77 14.19
CA ASN A 77 -11.86 -37.77 14.20
C ASN A 77 -12.21 -37.50 12.74
N LYS A 78 -13.14 -36.57 12.53
CA LYS A 78 -13.64 -36.17 11.22
C LYS A 78 -12.47 -35.77 10.29
N ILE A 79 -11.48 -35.08 10.84
CA ILE A 79 -10.34 -34.68 10.02
C ILE A 79 -9.38 -35.85 9.79
N VAL A 80 -9.13 -36.65 10.83
CA VAL A 80 -8.10 -37.68 10.76
C VAL A 80 -8.45 -38.79 9.74
N LYS A 81 -9.74 -39.06 9.60
CA LYS A 81 -10.23 -39.99 8.58
C LYS A 81 -9.85 -39.61 7.14
N LEU A 82 -9.57 -38.34 6.89
CA LEU A 82 -9.19 -37.87 5.54
C LEU A 82 -7.92 -38.57 5.07
N ALA A 83 -7.12 -39.00 6.03
CA ALA A 83 -5.91 -39.74 5.77
C ALA A 83 -6.16 -41.08 5.05
N ASP A 84 -7.37 -41.63 5.17
CA ASP A 84 -7.66 -42.93 4.55
C ASP A 84 -7.93 -42.77 3.05
N ASP A 85 -8.27 -41.57 2.63
CA ASP A 85 -8.60 -41.29 1.24
C ASP A 85 -7.28 -41.03 0.51
N LYS A 86 -6.91 -41.98 -0.34
CA LYS A 86 -5.65 -41.97 -1.09
C LYS A 86 -5.51 -40.78 -2.05
N GLU A 87 -6.64 -40.16 -2.42
CA GLU A 87 -6.63 -39.07 -3.37
C GLU A 87 -6.45 -37.69 -2.70
N VAL A 88 -6.73 -37.61 -1.39
CA VAL A 88 -6.50 -36.40 -0.61
C VAL A 88 -4.99 -36.13 -0.50
N GLN A 89 -4.59 -35.01 -1.13
CA GLN A 89 -3.20 -34.60 -1.16
C GLN A 89 -2.91 -33.29 -0.40
N ALA A 90 -3.96 -32.59 0.06
CA ALA A 90 -3.76 -31.44 0.92
C ALA A 90 -4.98 -31.24 1.81
N ILE A 91 -4.74 -30.74 3.03
CA ILE A 91 -5.82 -30.36 3.94
C ILE A 91 -5.67 -28.90 4.36
N VAL A 92 -6.72 -28.11 4.10
CA VAL A 92 -6.84 -26.74 4.53
C VAL A 92 -7.88 -26.68 5.65
N VAL A 93 -7.53 -26.06 6.77
CA VAL A 93 -8.45 -25.87 7.88
C VAL A 93 -8.68 -24.36 8.10
N SER A 94 -9.95 -23.92 8.09
CA SER A 94 -10.28 -22.53 8.32
C SER A 94 -11.25 -22.34 9.50
N THR A 95 -10.74 -21.91 10.66
CA THR A 95 -11.56 -21.54 11.83
C THR A 95 -10.75 -20.59 12.74
N ASP A 96 -11.41 -19.59 13.31
CA ASP A 96 -10.77 -18.70 14.31
C ASP A 96 -10.59 -19.40 15.68
N GLN A 97 -11.13 -20.61 15.84
CA GLN A 97 -11.09 -21.31 17.10
C GLN A 97 -9.89 -22.28 17.17
N ALA A 98 -9.50 -22.61 18.39
CA ALA A 98 -8.40 -23.54 18.66
C ALA A 98 -8.94 -24.91 18.98
N GLY A 99 -8.07 -25.92 18.82
CA GLY A 99 -8.40 -27.27 19.23
C GLY A 99 -8.10 -28.35 18.21
N LEU A 100 -7.94 -27.98 16.94
CA LEU A 100 -7.87 -28.99 15.89
C LEU A 100 -6.42 -29.42 15.57
N LEU A 101 -5.46 -28.75 16.17
CA LEU A 101 -4.05 -29.07 15.86
C LEU A 101 -3.69 -30.55 16.02
N PRO A 102 -4.15 -31.23 17.10
CA PRO A 102 -3.80 -32.66 17.20
C PRO A 102 -4.24 -33.47 16.00
N ALA A 103 -5.35 -33.08 15.38
CA ALA A 103 -5.83 -33.76 14.20
C ALA A 103 -4.81 -33.73 13.07
N LEU A 104 -4.21 -32.55 12.85
CA LEU A 104 -3.26 -32.40 11.76
C LEU A 104 -1.91 -33.08 12.08
N GLN A 105 -1.55 -33.15 13.35
CA GLN A 105 -0.35 -33.92 13.72
C GLN A 105 -0.56 -35.40 13.40
N LYS A 106 -1.75 -35.92 13.71
CA LYS A 106 -2.02 -37.35 13.48
C LYS A 106 -2.05 -37.66 11.98
N VAL A 107 -2.62 -36.75 11.18
CA VAL A 107 -2.64 -36.95 9.72
C VAL A 107 -1.23 -37.04 9.14
N LYS A 108 -0.37 -36.14 9.61
CA LYS A 108 1.01 -36.06 9.14
C LYS A 108 1.83 -37.28 9.52
N GLU A 109 1.59 -37.83 10.71
CA GLU A 109 2.25 -39.08 11.10
C GLU A 109 1.81 -40.27 10.21
N LYS A 110 0.54 -40.32 9.81
CA LYS A 110 0.08 -41.42 8.93
C LYS A 110 0.43 -41.17 7.46
N ARG A 111 0.30 -39.91 7.01
CA ARG A 111 0.53 -39.53 5.62
C ARG A 111 1.45 -38.30 5.56
N PRO A 112 2.77 -38.50 5.65
CA PRO A 112 3.73 -37.40 5.62
C PRO A 112 3.63 -36.47 4.41
N GLU A 113 3.12 -36.96 3.29
CA GLU A 113 3.10 -36.20 2.03
C GLU A 113 1.91 -35.21 1.89
N ILE A 114 0.86 -35.39 2.69
CA ILE A 114 -0.26 -34.45 2.69
C ILE A 114 0.20 -33.05 3.13
N ILE A 115 -0.10 -32.06 2.30
CA ILE A 115 0.24 -30.67 2.57
C ILE A 115 -0.82 -30.11 3.49
N THR A 116 -0.42 -29.65 4.68
CA THR A 116 -1.38 -29.05 5.64
C THR A 116 -1.25 -27.54 5.74
N ILE A 117 -2.39 -26.84 5.76
CA ILE A 117 -2.42 -25.40 5.71
C ILE A 117 -3.50 -24.88 6.68
N SER A 118 -3.09 -24.02 7.61
CA SER A 118 -4.03 -23.29 8.45
C SER A 118 -4.35 -21.96 7.72
N ALA A 119 -5.63 -21.60 7.70
CA ALA A 119 -6.07 -20.46 6.95
C ALA A 119 -7.43 -19.84 7.40
N PRO A 120 -7.53 -19.40 8.68
CA PRO A 120 -6.56 -19.51 9.77
C PRO A 120 -6.93 -20.68 10.66
N MSE A 121 -6.11 -20.93 11.69
CA MSE A 121 -6.55 -21.74 12.83
C MSE A 121 -6.34 -20.90 14.12
O MSE A 121 -5.53 -19.97 14.13
CB MSE A 121 -5.80 -23.08 12.89
CG MSE A 121 -6.36 -24.11 11.89
SE MSE A 121 -5.20 -25.68 11.65
CE MSE A 121 -5.33 -26.49 13.43
N GLY A 122 -7.05 -21.25 15.19
CA GLY A 122 -7.04 -20.45 16.40
C GLY A 122 -5.98 -20.87 17.39
N ASP A 123 -5.23 -21.92 17.07
CA ASP A 123 -4.23 -22.45 18.01
C ASP A 123 -3.00 -21.55 18.16
N ASP A 124 -2.23 -21.80 19.22
CA ASP A 124 -0.98 -21.06 19.47
C ASP A 124 -0.13 -21.01 18.17
N LYS A 125 0.31 -19.82 17.80
CA LYS A 125 0.94 -19.60 16.50
C LYS A 125 2.30 -20.31 16.37
N ASN A 126 3.01 -20.40 17.48
CA ASN A 126 4.28 -21.13 17.49
C ASN A 126 4.05 -22.64 17.27
N GLN A 127 3.00 -23.16 17.89
CA GLN A 127 2.64 -24.57 17.74
C GLN A 127 2.20 -24.85 16.30
N LEU A 128 1.39 -23.94 15.75
CA LEU A 128 1.01 -24.04 14.35
C LEU A 128 2.24 -24.11 13.42
N SER A 129 3.24 -23.27 13.68
CA SER A 129 4.43 -23.23 12.83
CA SER A 129 4.42 -23.23 12.83
C SER A 129 5.19 -24.56 12.88
N GLN A 130 5.29 -25.13 14.08
CA GLN A 130 6.02 -26.38 14.29
CA GLN A 130 6.03 -26.39 14.28
C GLN A 130 5.32 -27.54 13.58
N PHE A 131 3.99 -27.59 13.66
CA PHE A 131 3.26 -28.84 13.30
C PHE A 131 2.42 -28.80 12.03
N VAL A 132 2.22 -27.61 11.45
CA VAL A 132 1.44 -27.45 10.21
C VAL A 132 2.34 -26.87 9.14
N ASP A 133 2.25 -27.37 7.90
CA ASP A 133 3.21 -26.97 6.85
C ASP A 133 3.20 -25.46 6.49
N VAL A 134 2.01 -24.91 6.17
CA VAL A 134 1.82 -23.49 5.77
C VAL A 134 0.74 -22.88 6.65
N ASN A 135 1.04 -21.73 7.21
CA ASN A 135 0.17 -21.03 8.16
C ASN A 135 -0.05 -19.60 7.73
N LEU A 136 -1.31 -19.25 7.53
CA LEU A 136 -1.73 -17.95 7.07
C LEU A 136 -2.70 -17.39 8.08
N GLY A 137 -2.52 -16.13 8.44
CA GLY A 137 -3.33 -15.52 9.48
C GLY A 137 -3.22 -14.02 9.46
N VAL A 138 -3.71 -13.42 10.53
CA VAL A 138 -3.65 -11.98 10.70
C VAL A 138 -2.96 -11.66 12.02
N SER A 139 -2.17 -10.59 12.01
CA SER A 139 -1.49 -10.10 13.21
C SER A 139 -2.28 -8.89 13.72
N ALA A 140 -2.76 -8.97 14.96
CA ALA A 140 -3.50 -7.87 15.56
C ALA A 140 -2.62 -6.63 15.68
N GLU A 141 -1.35 -6.83 15.96
CA GLU A 141 -0.40 -5.71 16.04
C GLU A 141 -0.30 -4.98 14.72
N GLU A 142 -0.02 -5.73 13.66
CA GLU A 142 0.17 -5.12 12.37
C GLU A 142 -1.16 -4.49 11.86
N ARG A 143 -2.29 -5.13 12.17
CA ARG A 143 -3.61 -4.53 11.84
C ARG A 143 -3.77 -3.15 12.46
N GLY A 144 -3.42 -3.04 13.74
CA GLY A 144 -3.52 -1.76 14.46
C GLY A 144 -2.71 -0.66 13.81
N LYS A 145 -1.46 -0.98 13.49
CA LYS A 145 -0.54 -0.04 12.90
C LYS A 145 -1.12 0.48 11.59
N VAL A 146 -1.61 -0.44 10.76
CA VAL A 146 -2.05 -0.10 9.41
C VAL A 146 -3.36 0.68 9.45
N LEU A 147 -4.23 0.32 10.37
CA LEU A 147 -5.51 1.06 10.56
C LEU A 147 -5.25 2.52 11.02
N ALA A 148 -4.30 2.71 11.92
CA ALA A 148 -3.89 4.06 12.35
C ALA A 148 -3.34 4.86 11.16
N GLU A 149 -2.47 4.25 10.38
CA GLU A 149 -1.87 4.94 9.21
C GLU A 149 -2.93 5.28 8.17
N ARG A 150 -3.80 4.33 7.85
CA ARG A 150 -4.82 4.54 6.82
C ARG A 150 -5.82 5.60 7.24
N SER A 151 -6.14 5.64 8.54
CA SER A 151 -6.90 6.74 9.13
C SER A 151 -6.24 8.13 8.91
N LYS A 152 -4.94 8.22 9.22
CA LYS A 152 -4.13 9.43 9.01
C LYS A 152 -4.20 9.87 7.52
N GLU A 153 -4.05 8.91 6.62
CA GLU A 153 -3.98 9.18 5.17
C GLU A 153 -5.30 9.73 4.65
N MSE A 154 -6.38 9.33 5.30
CA MSE A 154 -7.72 9.80 4.93
C MSE A 154 -8.05 11.15 5.54
O MSE A 154 -9.16 11.66 5.36
CB MSE A 154 -8.75 8.75 5.35
CG MSE A 154 -8.59 7.49 4.53
SE MSE A 154 -9.74 6.03 5.02
CE MSE A 154 -11.37 6.66 4.14
N GLY A 155 -7.11 11.77 6.27
CA GLY A 155 -7.33 13.11 6.82
C GLY A 155 -7.83 13.17 8.24
N ALA A 156 -7.77 12.06 8.98
CA ALA A 156 -8.24 12.05 10.39
C ALA A 156 -7.45 13.01 11.32
N LYS A 157 -8.19 13.81 12.08
CA LYS A 157 -7.57 14.70 13.06
CA LYS A 157 -7.61 14.72 13.07
C LYS A 157 -7.69 14.14 14.48
N ALA A 158 -8.43 13.04 14.64
CA ALA A 158 -8.44 12.24 15.88
C ALA A 158 -8.87 10.83 15.48
N PHE A 159 -8.55 9.84 16.31
CA PHE A 159 -8.99 8.47 16.17
C PHE A 159 -9.75 8.10 17.44
N ILE A 160 -11.05 7.79 17.30
CA ILE A 160 -11.89 7.38 18.46
C ILE A 160 -12.01 5.84 18.43
N HIS A 161 -11.60 5.17 19.52
CA HIS A 161 -11.68 3.71 19.68
C HIS A 161 -12.72 3.33 20.72
N TYR A 162 -13.70 2.51 20.30
CA TYR A 162 -14.84 2.10 21.16
C TYR A 162 -14.78 0.58 21.37
N ALA A 163 -14.88 0.17 22.65
CA ALA A 163 -14.80 -1.23 23.09
C ALA A 163 -15.20 -1.26 24.56
N SER A 164 -15.87 -2.33 24.98
CA SER A 164 -16.22 -2.53 26.40
C SER A 164 -14.99 -3.05 27.17
N THR A 165 -15.00 -2.97 28.50
CA THR A 165 -13.86 -3.50 29.25
C THR A 165 -13.79 -5.04 29.17
N ASP A 166 -14.95 -5.70 28.98
CA ASP A 166 -14.96 -7.13 28.64
C ASP A 166 -14.33 -7.42 27.28
N ASP A 167 -14.63 -6.60 26.27
CA ASP A 167 -13.95 -6.70 24.95
C ASP A 167 -12.43 -6.65 25.08
N LEU A 168 -11.93 -5.76 25.93
CA LEU A 168 -10.50 -5.62 26.15
C LEU A 168 -9.81 -6.86 26.80
N LYS A 169 -10.59 -7.85 27.27
CA LYS A 169 -10.05 -9.12 27.79
CA LYS A 169 -10.02 -9.09 27.79
C LYS A 169 -9.59 -10.01 26.65
N ASP A 170 -10.15 -9.80 25.46
CA ASP A 170 -9.74 -10.56 24.27
C ASP A 170 -8.34 -10.11 23.84
N VAL A 171 -7.39 -11.04 23.77
CA VAL A 171 -5.99 -10.68 23.63
C VAL A 171 -5.68 -9.95 22.33
N ASN A 172 -6.40 -10.29 21.26
CA ASN A 172 -6.22 -9.64 19.97
C ASN A 172 -6.81 -8.23 19.92
N ILE A 173 -8.00 -8.03 20.51
CA ILE A 173 -8.57 -6.69 20.66
C ILE A 173 -7.59 -5.77 21.45
N ALA A 174 -7.08 -6.28 22.56
CA ALA A 174 -6.15 -5.54 23.43
C ALA A 174 -4.88 -5.16 22.66
N LYS A 175 -4.32 -6.15 21.98
CA LYS A 175 -3.07 -6.00 21.25
C LYS A 175 -3.22 -4.99 20.10
N ARG A 176 -4.31 -5.10 19.33
CA ARG A 176 -4.61 -4.12 18.30
C ARG A 176 -4.77 -2.71 18.87
N LEU A 177 -5.55 -2.61 19.94
CA LEU A 177 -5.67 -1.32 20.64
C LEU A 177 -4.32 -0.69 20.99
N GLU A 178 -3.45 -1.48 21.63
CA GLU A 178 -2.12 -1.03 22.03
C GLU A 178 -1.29 -0.50 20.83
N MSE A 179 -1.30 -1.23 19.73
CA MSE A 179 -0.58 -0.80 18.56
C MSE A 179 -1.27 0.38 17.86
O MSE A 179 -0.58 1.23 17.33
CB MSE A 179 -0.32 -1.96 17.60
CG MSE A 179 0.61 -1.58 16.47
SE MSE A 179 2.35 -0.89 17.08
CE MSE A 179 3.03 -2.56 17.84
N ILE A 180 -2.61 0.49 17.89
CA ILE A 180 -3.23 1.71 17.34
C ILE A 180 -2.75 2.92 18.12
N LYS A 181 -2.70 2.81 19.46
CA LYS A 181 -2.33 3.92 20.34
C LYS A 181 -0.90 4.38 20.11
N GLU A 182 -0.01 3.41 20.00
CA GLU A 182 1.43 3.66 19.83
C GLU A 182 1.65 4.28 18.45
N THR A 183 1.02 3.68 17.45
CA THR A 183 1.15 4.20 16.10
C THR A 183 0.62 5.63 16.00
N CYS A 184 -0.59 5.88 16.52
CA CYS A 184 -1.13 7.23 16.58
C CYS A 184 -0.16 8.24 17.23
N LYS A 185 0.51 7.80 18.30
CA LYS A 185 1.50 8.64 18.96
C LYS A 185 2.67 8.98 18.03
N ASN A 186 3.17 7.98 17.30
CA ASN A 186 4.28 8.18 16.40
C ASN A 186 3.97 9.11 15.21
N ILE A 187 2.70 9.11 14.76
CA ILE A 187 2.30 9.86 13.56
C ILE A 187 1.47 11.11 13.89
N GLY A 188 1.44 11.50 15.15
CA GLY A 188 0.79 12.75 15.53
C GLY A 188 -0.69 12.76 15.32
N LEU A 189 -1.34 11.61 15.51
CA LEU A 189 -2.81 11.52 15.44
C LEU A 189 -3.39 11.39 16.84
N PRO A 190 -4.11 12.42 17.30
CA PRO A 190 -4.76 12.31 18.60
C PRO A 190 -5.60 11.02 18.73
N PHE A 191 -5.44 10.33 19.85
CA PHE A 191 -6.13 9.08 20.06
C PHE A 191 -7.03 9.20 21.29
N VAL A 192 -8.28 8.76 21.16
CA VAL A 192 -9.27 8.83 22.22
C VAL A 192 -9.81 7.45 22.49
N GLN A 193 -9.57 6.90 23.69
CA GLN A 193 -10.16 5.58 24.02
C GLN A 193 -11.41 5.76 24.87
N VAL A 194 -12.51 5.17 24.41
CA VAL A 194 -13.80 5.28 25.09
C VAL A 194 -14.35 3.90 25.40
N ASN A 195 -14.59 3.68 26.70
CA ASN A 195 -15.20 2.46 27.20
C ASN A 195 -16.72 2.48 27.03
N THR A 196 -17.19 1.50 26.27
CA THR A 196 -18.60 1.24 26.03
C THR A 196 -19.14 0.24 27.10
N PRO A 197 -20.46 0.28 27.38
CA PRO A 197 -21.06 -0.67 28.34
C PRO A 197 -20.86 -2.14 27.92
N ASN A 198 -20.53 -2.97 28.90
CA ASN A 198 -20.45 -4.41 28.71
C ASN A 198 -21.79 -4.96 28.25
N ILE A 199 -21.73 -5.88 27.30
CA ILE A 199 -22.94 -6.49 26.78
C ILE A 199 -23.09 -7.84 27.49
N ASN A 200 -23.95 -7.89 28.50
CA ASN A 200 -24.19 -9.14 29.21
C ASN A 200 -25.50 -9.81 28.81
N THR A 201 -26.48 -9.01 28.41
CA THR A 201 -27.75 -9.49 27.89
C THR A 201 -28.10 -8.70 26.64
N GLU A 202 -29.17 -9.10 25.94
CA GLU A 202 -29.62 -8.39 24.74
C GLU A 202 -30.08 -6.95 25.07
N GLU A 203 -30.62 -6.76 26.27
CA GLU A 203 -31.03 -5.43 26.72
C GLU A 203 -29.86 -4.42 26.65
N ASP A 204 -28.64 -4.90 26.88
CA ASP A 204 -27.47 -4.04 26.90
C ASP A 204 -27.11 -3.49 25.53
N LYS A 205 -27.51 -4.18 24.46
CA LYS A 205 -27.24 -3.72 23.11
C LYS A 205 -27.82 -2.35 22.82
N ASN A 206 -29.11 -2.13 23.11
CA ASN A 206 -29.68 -0.80 22.91
C ASN A 206 -29.01 0.27 23.80
N LYS A 207 -28.53 -0.12 24.98
CA LYS A 207 -27.76 0.80 25.84
C LYS A 207 -26.45 1.17 25.13
N VAL A 208 -25.77 0.18 24.54
CA VAL A 208 -24.57 0.45 23.77
C VAL A 208 -24.82 1.39 22.58
N LYS A 209 -25.85 1.07 21.79
CA LYS A 209 -26.30 1.95 20.71
C LYS A 209 -26.52 3.39 21.17
N GLN A 210 -27.27 3.59 22.26
CA GLN A 210 -27.52 4.95 22.78
C GLN A 210 -26.22 5.61 23.24
N PHE A 211 -25.38 4.84 23.90
CA PHE A 211 -24.10 5.34 24.37
C PHE A 211 -23.26 5.84 23.18
N LEU A 212 -23.14 4.99 22.17
CA LEU A 212 -22.33 5.31 21.00
C LEU A 212 -22.85 6.56 20.28
N ASN A 213 -24.16 6.61 20.04
CA ASN A 213 -24.72 7.76 19.36
C ASN A 213 -24.41 9.07 20.07
N GLU A 214 -24.59 9.08 21.39
CA GLU A 214 -24.33 10.29 22.15
CA GLU A 214 -24.34 10.25 22.22
C GLU A 214 -22.86 10.64 22.19
N ASP A 215 -21.99 9.64 22.35
CA ASP A 215 -20.55 9.92 22.45
C ASP A 215 -19.95 10.43 21.10
N ILE A 216 -20.34 9.77 20.03
CA ILE A 216 -19.92 10.19 18.68
C ILE A 216 -20.31 11.63 18.41
N GLU A 217 -21.57 12.00 18.66
CA GLU A 217 -21.92 13.42 18.57
C GLU A 217 -20.94 14.33 19.34
N LYS A 218 -20.57 13.90 20.54
CA LYS A 218 -19.64 14.67 21.38
C LYS A 218 -18.27 14.83 20.75
N GLN A 219 -17.78 13.75 20.16
CA GLN A 219 -16.46 13.73 19.59
C GLN A 219 -16.38 14.61 18.35
N VAL A 220 -17.45 14.63 17.55
CA VAL A 220 -17.56 15.53 16.39
C VAL A 220 -17.63 17.01 16.80
N LYS A 221 -18.33 17.33 17.88
CA LYS A 221 -18.35 18.70 18.39
C LYS A 221 -16.97 19.16 18.86
N LYS A 222 -16.22 18.25 19.44
CA LYS A 222 -14.88 18.56 19.93
CA LYS A 222 -14.89 18.55 19.95
C LYS A 222 -13.87 18.78 18.81
N TYR A 223 -13.83 17.85 17.86
CA TYR A 223 -12.83 17.86 16.80
C TYR A 223 -13.30 18.31 15.42
N GLY A 224 -14.60 18.40 15.19
CA GLY A 224 -15.09 18.59 13.83
C GLY A 224 -15.21 17.20 13.19
N LYS A 225 -15.71 17.19 11.96
CA LYS A 225 -16.09 15.95 11.33
C LYS A 225 -14.91 15.11 10.83
N ASP A 226 -13.70 15.69 10.73
CA ASP A 226 -12.56 14.92 10.20
C ASP A 226 -11.87 14.14 11.30
N ILE A 227 -12.60 13.13 11.79
CA ILE A 227 -12.07 12.15 12.74
C ILE A 227 -12.40 10.78 12.21
N ASN A 228 -11.58 9.80 12.58
CA ASN A 228 -11.89 8.40 12.32
C ASN A 228 -12.56 7.74 13.51
N VAL A 229 -13.65 7.02 13.27
CA VAL A 229 -14.34 6.33 14.36
C VAL A 229 -14.23 4.82 14.11
N PHE A 230 -13.87 4.08 15.16
CA PHE A 230 -13.66 2.65 15.03
C PHE A 230 -14.27 1.90 16.20
N GLY A 231 -14.94 0.80 15.88
CA GLY A 231 -15.47 -0.12 16.91
C GLY A 231 -15.01 -1.56 16.67
N VAL A 232 -15.34 -2.43 17.62
CA VAL A 232 -14.68 -3.73 17.71
C VAL A 232 -15.56 -4.93 17.40
N ASN A 233 -16.83 -4.67 17.04
CA ASN A 233 -17.74 -5.73 16.56
C ASN A 233 -18.78 -5.18 15.56
N GLU A 234 -19.52 -6.09 14.95
CA GLU A 234 -20.38 -5.75 13.84
C GLU A 234 -21.53 -4.87 14.33
N TYR A 235 -21.95 -5.08 15.57
CA TYR A 235 -23.06 -4.29 16.14
C TYR A 235 -22.61 -2.82 16.25
N MSE A 236 -21.40 -2.59 16.76
CA MSE A 236 -20.80 -1.25 16.80
C MSE A 236 -20.62 -0.69 15.40
O MSE A 236 -20.89 0.51 15.19
CB MSE A 236 -19.44 -1.23 17.52
CG MSE A 236 -19.53 -1.56 18.96
SE MSE A 236 -17.96 -0.99 19.87
CE MSE A 236 -18.20 -1.98 21.51
N ASP A 237 -20.17 -1.54 14.46
CA ASP A 237 -19.93 -1.10 13.08
C ASP A 237 -21.23 -0.53 12.49
N GLU A 238 -22.32 -1.20 12.76
CA GLU A 238 -23.62 -0.76 12.25
C GLU A 238 -24.02 0.65 12.75
N VAL A 239 -23.92 0.84 14.07
CA VAL A 239 -24.23 2.13 14.71
C VAL A 239 -23.28 3.20 14.16
N ILE A 240 -21.98 2.87 14.06
CA ILE A 240 -20.95 3.83 13.60
C ILE A 240 -21.09 4.26 12.13
N LEU A 241 -21.32 3.30 11.26
CA LEU A 241 -21.52 3.58 9.83
C LEU A 241 -22.83 4.36 9.60
N THR A 242 -23.90 3.95 10.26
CA THR A 242 -25.16 4.67 10.19
C THR A 242 -25.00 6.14 10.59
N LYS A 243 -24.36 6.40 11.73
CA LYS A 243 -24.14 7.79 12.17
C LYS A 243 -23.19 8.58 11.24
N ALA A 244 -22.21 7.90 10.64
CA ALA A 244 -21.28 8.50 9.68
C ALA A 244 -22.01 9.13 8.49
N LEU A 245 -23.13 8.52 8.06
CA LEU A 245 -23.93 9.07 6.96
C LEU A 245 -24.52 10.44 7.32
N GLU A 246 -24.82 10.64 8.59
CA GLU A 246 -25.39 11.88 9.11
C GLU A 246 -24.31 12.94 9.39
N LEU A 247 -23.25 12.56 10.08
CA LEU A 247 -22.25 13.54 10.57
C LEU A 247 -21.01 13.66 9.65
N LYS A 248 -20.84 12.69 8.76
CA LYS A 248 -19.93 12.74 7.62
C LYS A 248 -18.49 12.69 8.05
N TYR A 249 -18.25 11.84 9.04
CA TYR A 249 -16.91 11.62 9.55
C TYR A 249 -16.26 10.49 8.76
N ILE A 250 -15.11 10.01 9.23
CA ILE A 250 -14.38 8.95 8.55
C ILE A 250 -14.54 7.60 9.27
N VAL A 251 -14.74 6.55 8.50
CA VAL A 251 -14.68 5.17 9.00
C VAL A 251 -13.73 4.38 8.10
N ALA A 252 -12.46 4.41 8.48
CA ALA A 252 -11.41 3.83 7.62
C ALA A 252 -11.64 2.32 7.46
N GLU A 253 -12.06 1.66 8.56
CA GLU A 253 -12.36 0.22 8.57
C GLU A 253 -13.44 -0.20 9.59
N GLN A 254 -14.24 -1.21 9.22
CA GLN A 254 -15.05 -1.96 10.18
C GLN A 254 -14.11 -2.72 11.13
N SER A 255 -14.65 -3.18 12.25
CA SER A 255 -13.99 -4.11 13.15
C SER A 255 -13.18 -5.15 12.37
N ASN A 256 -13.85 -5.78 11.41
CA ASN A 256 -13.20 -6.59 10.40
C ASN A 256 -13.77 -6.21 9.03
N PRO A 257 -12.92 -5.66 8.13
CA PRO A 257 -13.44 -5.24 6.83
C PRO A 257 -14.18 -6.33 6.05
N SER A 258 -15.38 -5.99 5.62
CA SER A 258 -16.24 -6.91 4.89
C SER A 258 -17.34 -6.19 4.12
N PRO A 259 -17.35 -6.35 2.79
CA PRO A 259 -18.42 -5.75 1.97
C PRO A 259 -19.80 -6.33 2.28
N ILE A 260 -19.82 -7.61 2.69
CA ILE A 260 -21.10 -8.32 2.85
C ILE A 260 -21.70 -8.15 4.25
N GLN A 261 -20.89 -7.93 5.27
CA GLN A 261 -21.42 -7.72 6.63
C GLN A 261 -21.68 -6.26 6.90
N THR A 262 -22.88 -5.95 7.36
CA THR A 262 -23.22 -4.61 7.84
C THR A 262 -23.39 -3.56 6.72
N TYR A 263 -22.44 -3.45 5.81
CA TYR A 263 -22.54 -2.44 4.73
C TYR A 263 -23.87 -2.45 3.97
N PRO A 264 -24.31 -3.63 3.55
CA PRO A 264 -25.52 -3.65 2.73
C PRO A 264 -26.78 -3.11 3.43
N SER A 265 -26.96 -3.47 4.70
CA SER A 265 -28.07 -2.89 5.45
C SER A 265 -27.89 -1.37 5.67
N VAL A 266 -26.67 -0.92 5.94
CA VAL A 266 -26.43 0.51 6.23
C VAL A 266 -26.67 1.38 4.98
N MSE A 267 -26.20 0.89 3.84
CA MSE A 267 -26.30 1.65 2.58
C MSE A 267 -27.63 1.44 1.85
O MSE A 267 -27.88 2.11 0.86
CB MSE A 267 -25.16 1.31 1.65
CG MSE A 267 -23.77 1.44 2.26
SE MSE A 267 -23.32 3.19 3.02
CE MSE A 267 -22.57 3.98 1.38
N GLY A 268 -28.46 0.53 2.34
CA GLY A 268 -29.75 0.24 1.69
C GLY A 268 -29.59 -0.62 0.45
N LEU A 269 -28.71 -1.61 0.49
CA LEU A 269 -28.47 -2.52 -0.63
C LEU A 269 -29.13 -3.85 -0.32
N LYS A 270 -29.56 -4.55 -1.37
CA LYS A 270 -30.11 -5.93 -1.24
C LYS A 270 -29.25 -6.87 -2.09
N ILE A 271 -28.43 -7.71 -1.42
CA ILE A 271 -27.50 -8.58 -2.13
CA ILE A 271 -27.49 -8.59 -2.10
C ILE A 271 -28.10 -10.00 -2.26
N SER A 272 -28.32 -10.42 -3.51
CA SER A 272 -28.89 -11.74 -3.79
C SER A 272 -27.96 -12.83 -3.29
N GLU A 273 -28.53 -14.00 -2.99
CA GLU A 273 -27.72 -15.17 -2.59
C GLU A 273 -26.65 -15.42 -3.63
N LYS A 274 -26.97 -15.20 -4.90
CA LYS A 274 -26.03 -15.48 -5.97
C LYS A 274 -24.88 -14.45 -6.07
N ASP A 275 -25.15 -13.22 -5.67
CA ASP A 275 -24.11 -12.19 -5.64
C ASP A 275 -23.36 -12.12 -4.32
N ALA A 276 -23.70 -12.96 -3.34
CA ALA A 276 -23.21 -12.78 -1.95
C ALA A 276 -21.70 -12.89 -1.79
N GLN A 277 -21.05 -13.60 -2.73
CA GLN A 277 -19.61 -13.77 -2.76
C GLN A 277 -18.98 -12.99 -3.94
N ASN A 278 -19.77 -12.18 -4.65
CA ASN A 278 -19.22 -11.34 -5.71
C ASN A 278 -18.77 -10.00 -5.08
N TYR A 279 -17.61 -10.01 -4.45
CA TYR A 279 -17.18 -8.85 -3.67
C TYR A 279 -16.91 -7.62 -4.54
N ASP A 280 -16.46 -7.79 -5.77
CA ASP A 280 -16.21 -6.62 -6.64
C ASP A 280 -17.51 -5.89 -6.97
N LYS A 281 -18.58 -6.65 -7.17
CA LYS A 281 -19.87 -6.10 -7.56
C LYS A 281 -20.50 -5.41 -6.33
N ILE A 282 -20.38 -6.05 -5.16
CA ILE A 282 -20.84 -5.45 -3.91
C ILE A 282 -20.12 -4.12 -3.67
N ASN A 283 -18.80 -4.11 -3.87
CA ASN A 283 -17.97 -2.92 -3.67
C ASN A 283 -18.33 -1.74 -4.58
N ASP A 284 -18.58 -2.03 -5.86
CA ASP A 284 -19.15 -1.05 -6.79
C ASP A 284 -20.49 -0.51 -6.30
N MSE A 285 -21.34 -1.39 -5.80
CA MSE A 285 -22.65 -0.93 -5.31
C MSE A 285 -22.49 -0.03 -4.08
O MSE A 285 -23.20 0.94 -3.98
CB MSE A 285 -23.57 -2.12 -5.00
CG MSE A 285 -24.08 -2.83 -6.23
SE MSE A 285 -24.96 -4.49 -5.72
CE MSE A 285 -26.64 -3.80 -5.15
N ILE A 286 -21.54 -0.32 -3.18
CA ILE A 286 -21.30 0.50 -2.00
C ILE A 286 -20.73 1.84 -2.43
N SER A 287 -19.82 1.86 -3.41
CA SER A 287 -19.30 3.14 -3.91
C SER A 287 -20.35 4.03 -4.53
N GLU A 288 -21.30 3.45 -5.26
CA GLU A 288 -22.37 4.27 -5.85
C GLU A 288 -23.18 4.92 -4.75
N LYS A 289 -23.50 4.17 -3.70
CA LYS A 289 -24.29 4.73 -2.59
C LYS A 289 -23.46 5.80 -1.86
N ALA A 290 -22.18 5.52 -1.59
CA ALA A 290 -21.29 6.49 -0.97
C ALA A 290 -21.25 7.82 -1.75
N LYS A 291 -21.09 7.74 -3.09
CA LYS A 291 -21.20 8.94 -3.97
C LYS A 291 -22.52 9.64 -3.76
N ALA A 292 -23.60 8.89 -3.78
CA ALA A 292 -24.93 9.49 -3.66
C ALA A 292 -25.17 10.15 -2.30
N PHE A 293 -24.48 9.66 -1.27
CA PHE A 293 -24.71 10.09 0.10
C PHE A 293 -23.67 11.14 0.55
N GLY A 294 -22.86 11.64 -0.37
CA GLY A 294 -21.86 12.67 -0.03
C GLY A 294 -20.72 12.08 0.79
N MSE A 295 -20.43 10.80 0.60
CA MSE A 295 -19.43 10.10 1.44
C MSE A 295 -18.21 9.57 0.70
O MSE A 295 -17.49 8.70 1.22
CB MSE A 295 -20.12 8.98 2.21
CG MSE A 295 -21.08 9.44 3.26
SE MSE A 295 -20.22 10.36 4.68
CE MSE A 295 -19.27 8.84 5.53
N SER A 296 -17.93 10.10 -0.48
CA SER A 296 -16.73 9.68 -1.21
C SER A 296 -15.45 9.99 -0.44
N ASN A 297 -14.53 9.03 -0.48
CA ASN A 297 -13.28 9.08 0.21
C ASN A 297 -13.39 9.19 1.75
N ARG A 298 -14.54 8.78 2.33
CA ARG A 298 -14.74 8.75 3.79
C ARG A 298 -14.79 7.35 4.43
N LEU A 299 -14.87 6.31 3.60
CA LEU A 299 -15.21 4.95 4.05
C LEU A 299 -14.27 3.99 3.35
N GLY A 300 -13.65 3.12 4.12
CA GLY A 300 -12.70 2.15 3.57
C GLY A 300 -12.91 0.70 3.99
N GLY A 301 -12.01 -0.14 3.49
CA GLY A 301 -12.05 -1.58 3.75
C GLY A 301 -10.93 -2.30 3.02
N TYR A 302 -11.21 -3.55 2.66
CA TYR A 302 -10.38 -4.37 1.78
C TYR A 302 -11.19 -4.76 0.53
N PRO A 303 -10.52 -5.25 -0.54
CA PRO A 303 -11.26 -5.77 -1.67
C PRO A 303 -12.18 -6.95 -1.34
N MSE A 304 -11.84 -7.70 -0.29
CA MSE A 304 -12.65 -8.84 0.16
CA MSE A 304 -12.69 -8.80 0.18
C MSE A 304 -12.43 -9.10 1.65
O MSE A 304 -11.41 -8.70 2.19
CB MSE A 304 -12.38 -10.11 -0.68
CB MSE A 304 -12.50 -10.05 -0.70
CG MSE A 304 -10.93 -10.51 -0.89
CG MSE A 304 -11.21 -10.82 -0.52
SE MSE A 304 -10.66 -11.89 -2.28
SE MSE A 304 -11.33 -12.61 -1.29
CE MSE A 304 -11.90 -13.28 -1.74
CE MSE A 304 -11.45 -12.19 -3.20
N PRO A 305 -13.38 -9.78 2.30
CA PRO A 305 -13.15 -10.04 3.72
C PRO A 305 -12.05 -11.03 3.92
N MSE A 306 -11.37 -10.94 5.04
CA MSE A 306 -10.31 -11.91 5.34
C MSE A 306 -10.90 -13.37 5.50
O MSE A 306 -10.23 -14.37 5.15
CB MSE A 306 -9.57 -11.48 6.60
CG MSE A 306 -8.55 -10.37 6.40
SE MSE A 306 -7.11 -11.02 5.20
CE MSE A 306 -6.26 -12.26 6.26
N ASP A 307 -12.11 -13.47 6.02
CA ASP A 307 -12.80 -14.77 6.15
C ASP A 307 -13.00 -15.47 4.81
N ALA A 308 -13.05 -14.71 3.72
CA ALA A 308 -13.08 -15.27 2.37
C ALA A 308 -11.70 -15.40 1.71
N PHE A 309 -10.85 -14.39 1.90
CA PHE A 309 -9.53 -14.42 1.32
C PHE A 309 -8.62 -15.55 1.80
N LEU A 310 -8.50 -15.76 3.11
CA LEU A 310 -7.54 -16.73 3.62
C LEU A 310 -7.83 -18.15 3.07
N PRO A 311 -9.08 -18.62 3.24
CA PRO A 311 -9.35 -19.97 2.69
C PRO A 311 -9.22 -20.05 1.14
N SER A 312 -9.63 -19.02 0.42
N SER A 312 -9.66 -19.03 0.42
CA SER A 312 -9.47 -19.05 -1.05
CA SER A 312 -9.47 -18.96 -1.04
C SER A 312 -8.00 -19.04 -1.47
C SER A 312 -8.00 -19.11 -1.37
N LEU A 313 -7.18 -18.24 -0.79
CA LEU A 313 -5.74 -18.23 -1.06
C LEU A 313 -5.14 -19.59 -0.73
N ALA A 314 -5.50 -20.13 0.43
CA ALA A 314 -4.98 -21.45 0.88
C ALA A 314 -5.34 -22.56 -0.11
N ILE A 315 -6.56 -22.55 -0.62
CA ILE A 315 -6.96 -23.56 -1.63
C ILE A 315 -6.09 -23.44 -2.92
N TYR A 316 -5.92 -22.23 -3.43
CA TYR A 316 -5.13 -21.99 -4.64
C TYR A 316 -3.68 -22.39 -4.43
N LEU A 317 -3.15 -22.14 -3.24
CA LEU A 317 -1.77 -22.49 -2.92
C LEU A 317 -1.61 -24.00 -2.86
N ALA A 318 -2.51 -24.66 -2.13
CA ALA A 318 -2.48 -26.12 -2.03
C ALA A 318 -2.49 -26.74 -3.43
N THR A 319 -3.42 -26.32 -4.27
CA THR A 319 -3.50 -26.84 -5.66
C THR A 319 -2.19 -26.65 -6.44
N GLU A 320 -1.61 -25.46 -6.34
CA GLU A 320 -0.36 -25.16 -7.03
C GLU A 320 0.76 -26.03 -6.50
N MSE A 321 0.76 -26.18 -5.18
CA MSE A 321 1.81 -26.95 -4.52
C MSE A 321 1.75 -28.42 -4.94
O MSE A 321 2.79 -29.05 -5.16
CB MSE A 321 1.70 -26.83 -2.97
CG MSE A 321 2.16 -25.49 -2.44
SE MSE A 321 1.75 -25.29 -0.52
CE MSE A 321 3.40 -26.21 0.09
N VAL A 322 0.55 -28.98 -5.01
CA VAL A 322 0.38 -30.38 -5.42
C VAL A 322 0.73 -30.51 -6.91
N LYS A 323 0.23 -29.64 -7.76
CA LYS A 323 0.56 -29.72 -9.20
C LYS A 323 2.05 -29.57 -9.48
N GLN A 324 2.74 -28.72 -8.72
CA GLN A 324 4.14 -28.42 -9.00
C GLN A 324 5.12 -29.15 -8.04
N ASP A 325 4.60 -30.00 -7.15
CA ASP A 325 5.44 -30.67 -6.17
C ASP A 325 6.29 -29.69 -5.33
N LEU A 326 5.64 -28.70 -4.75
CA LEU A 326 6.30 -27.71 -3.89
C LEU A 326 6.07 -28.04 -2.42
N THR A 327 6.99 -27.59 -1.58
CA THR A 327 6.86 -27.75 -0.14
C THR A 327 6.86 -26.34 0.51
N GLN A 328 6.74 -26.31 1.84
CA GLN A 328 6.63 -25.04 2.59
C GLN A 328 7.78 -24.07 2.26
N GLU A 329 8.98 -24.60 2.04
CA GLU A 329 10.15 -23.76 1.78
C GLU A 329 9.97 -22.99 0.49
N ASP A 330 9.30 -23.59 -0.50
CA ASP A 330 9.14 -22.97 -1.83
C ASP A 330 8.14 -21.83 -1.84
N VAL A 331 7.13 -21.89 -0.99
CA VAL A 331 6.02 -20.93 -1.05
C VAL A 331 5.97 -19.92 0.11
N CYS A 332 6.57 -20.26 1.26
CA CYS A 332 6.46 -19.41 2.44
C CYS A 332 7.54 -18.33 2.40
N ASP A 333 7.25 -17.28 1.63
CA ASP A 333 8.14 -16.14 1.40
C ASP A 333 7.25 -14.96 1.00
N PRO A 334 7.43 -13.77 1.62
CA PRO A 334 6.51 -12.65 1.33
C PRO A 334 6.40 -12.28 -0.16
N ASP A 335 7.52 -12.22 -0.88
CA ASP A 335 7.50 -11.88 -2.32
C ASP A 335 6.75 -12.92 -3.14
N TYR A 336 6.96 -14.19 -2.84
CA TYR A 336 6.24 -15.26 -3.51
C TYR A 336 4.72 -15.14 -3.30
N LEU A 337 4.31 -14.97 -2.05
CA LEU A 337 2.88 -14.92 -1.71
C LEU A 337 2.18 -13.65 -2.21
N GLU A 338 2.89 -12.53 -2.21
CA GLU A 338 2.37 -11.29 -2.79
C GLU A 338 2.18 -11.42 -4.30
N ALA A 339 3.17 -11.98 -5.00
CA ALA A 339 3.02 -12.15 -6.44
C ALA A 339 1.88 -13.12 -6.76
N PHE A 340 1.79 -14.22 -6.00
CA PHE A 340 0.73 -15.23 -6.19
C PHE A 340 -0.64 -14.61 -5.92
N THR A 341 -0.73 -13.71 -4.93
CA THR A 341 -1.97 -12.98 -4.68
C THR A 341 -2.35 -12.07 -5.86
N GLU A 342 -1.38 -11.37 -6.46
CA GLU A 342 -1.66 -10.59 -7.67
C GLU A 342 -2.15 -11.50 -8.79
N LEU A 343 -1.44 -12.60 -8.99
CA LEU A 343 -1.79 -13.58 -10.05
C LEU A 343 -3.22 -14.10 -9.89
N ARG A 344 -3.60 -14.49 -8.68
CA ARG A 344 -4.85 -15.24 -8.51
C ARG A 344 -6.04 -14.33 -8.18
N PHE A 345 -5.79 -13.15 -7.63
CA PHE A 345 -6.84 -12.22 -7.18
C PHE A 345 -6.78 -10.83 -7.81
N GLY A 346 -5.65 -10.45 -8.38
CA GLY A 346 -5.45 -9.07 -8.89
C GLY A 346 -5.55 -7.98 -7.84
N ILE A 347 -5.15 -8.30 -6.62
CA ILE A 347 -5.08 -7.34 -5.54
C ILE A 347 -3.67 -7.29 -4.89
N GLY A 348 -3.38 -6.14 -4.29
CA GLY A 348 -2.12 -5.98 -3.56
C GLY A 348 -2.28 -6.46 -2.14
N SER A 349 -1.16 -6.80 -1.54
CA SER A 349 -1.13 -7.36 -0.22
C SER A 349 0.27 -7.19 0.38
N GLU A 350 0.39 -7.38 1.68
CA GLU A 350 1.71 -7.46 2.31
CA GLU A 350 1.68 -7.42 2.35
C GLU A 350 1.72 -8.60 3.30
N PHE A 351 2.71 -9.49 3.15
CA PHE A 351 2.88 -10.67 3.98
C PHE A 351 4.12 -10.53 4.87
N THR A 352 3.99 -10.91 6.12
CA THR A 352 5.05 -10.75 7.11
C THR A 352 5.29 -12.05 7.88
N PRO A 353 6.53 -12.56 7.94
CA PRO A 353 6.67 -13.79 8.72
C PRO A 353 6.47 -13.57 10.23
N LEU A 354 6.04 -14.60 10.94
CA LEU A 354 5.91 -14.54 12.42
C LEU A 354 7.20 -14.13 13.13
N THR A 355 8.29 -14.81 12.78
CA THR A 355 9.62 -14.39 13.10
C THR A 355 10.50 -14.76 11.89
N GLU A 356 11.72 -14.27 11.85
CA GLU A 356 12.58 -14.59 10.74
C GLU A 356 12.76 -16.12 10.62
N VAL A 357 12.82 -16.80 11.76
CA VAL A 357 13.00 -18.25 11.76
C VAL A 357 11.70 -19.00 11.44
N LEU A 358 10.57 -18.53 11.99
CA LEU A 358 9.24 -19.14 11.74
C LEU A 358 8.66 -18.58 10.46
N TYR A 359 9.32 -18.91 9.35
CA TYR A 359 8.98 -18.35 8.06
C TYR A 359 7.67 -18.95 7.52
N ASN A 360 7.30 -20.13 8.02
CA ASN A 360 6.11 -20.81 7.51
C ASN A 360 4.82 -20.36 8.19
N TYR A 361 4.89 -19.26 8.95
CA TYR A 361 3.67 -18.59 9.43
C TYR A 361 3.75 -17.20 8.87
N GLN A 362 2.77 -16.82 8.03
CA GLN A 362 2.82 -15.53 7.36
C GLN A 362 1.53 -14.81 7.63
N SER A 363 1.62 -13.58 8.15
CA SER A 363 0.41 -12.81 8.38
C SER A 363 0.24 -11.90 7.20
N VAL A 364 -0.99 -11.49 6.93
CA VAL A 364 -1.28 -10.71 5.72
C VAL A 364 -2.17 -9.53 6.04
N ILE A 365 -1.94 -8.42 5.35
CA ILE A 365 -2.84 -7.27 5.36
C ILE A 365 -3.10 -7.00 3.89
N LEU A 366 -4.35 -6.85 3.51
CA LEU A 366 -4.67 -6.55 2.10
C LEU A 366 -4.55 -5.05 1.83
N SER A 367 -4.37 -4.69 0.57
CA SER A 367 -4.37 -3.30 0.14
C SER A 367 -5.68 -2.67 0.44
N GLN A 368 -5.61 -1.37 0.69
CA GLN A 368 -6.75 -0.58 1.06
C GLN A 368 -7.70 -0.43 -0.12
N LEU A 369 -8.99 -0.48 0.18
CA LEU A 369 -10.01 -0.05 -0.77
C LEU A 369 -10.74 1.12 -0.15
N ILE A 370 -10.86 2.22 -0.89
CA ILE A 370 -11.65 3.36 -0.41
C ILE A 370 -12.88 3.44 -1.30
N TYR A 371 -14.04 3.43 -0.68
CA TYR A 371 -15.30 3.50 -1.42
C TYR A 371 -15.49 4.84 -2.13
N ILE B 9 18.76 21.39 24.82
CA ILE B 9 19.32 22.76 25.08
C ILE B 9 20.30 23.12 23.96
N ILE B 10 19.78 23.73 22.90
CA ILE B 10 20.59 24.11 21.75
C ILE B 10 20.29 25.54 21.27
N ASP B 11 21.25 26.11 20.56
CA ASP B 11 21.06 27.42 19.95
C ASP B 11 20.14 27.33 18.72
N ASP B 12 19.44 28.44 18.43
CA ASP B 12 18.66 28.55 17.19
C ASP B 12 19.58 28.28 16.00
N PHE B 13 19.00 27.87 14.89
CA PHE B 13 19.82 27.39 13.78
C PHE B 13 19.18 27.57 12.42
N LYS B 14 20.00 27.35 11.40
CA LYS B 14 19.56 27.43 10.01
C LYS B 14 19.69 26.06 9.34
N VAL B 15 18.75 25.75 8.46
CA VAL B 15 18.93 24.66 7.53
C VAL B 15 19.15 25.29 6.14
N ALA B 16 20.36 25.11 5.63
CA ALA B 16 20.72 25.54 4.28
C ALA B 16 20.24 24.48 3.31
N VAL B 17 19.51 24.90 2.27
CA VAL B 17 18.97 24.02 1.24
C VAL B 17 19.41 24.54 -0.12
N VAL B 18 20.14 23.69 -0.84
CA VAL B 18 20.78 24.01 -2.14
C VAL B 18 19.92 23.48 -3.25
N THR B 19 19.52 24.34 -4.20
CA THR B 19 18.74 23.92 -5.37
C THR B 19 19.25 24.67 -6.60
N GLN B 20 18.85 24.21 -7.77
CA GLN B 20 19.05 24.97 -9.01
C GLN B 20 18.05 26.14 -9.06
N PRO B 21 18.25 27.07 -9.98
CA PRO B 21 17.32 28.18 -10.14
C PRO B 21 15.89 27.77 -10.50
N LEU B 22 14.94 28.65 -10.19
CA LEU B 22 13.54 28.46 -10.55
C LEU B 22 13.33 28.07 -12.02
N SER B 23 14.08 28.70 -12.93
CA SER B 23 13.92 28.45 -14.36
C SER B 23 14.33 27.05 -14.78
N GLU B 24 15.17 26.41 -13.98
CA GLU B 24 15.67 25.09 -14.30
C GLU B 24 14.90 23.98 -13.58
N ASN B 25 14.63 24.15 -12.28
CA ASN B 25 13.97 23.14 -11.41
C ASN B 25 12.84 23.82 -10.63
N LYS B 26 11.74 24.07 -11.32
CA LYS B 26 10.65 24.82 -10.75
C LYS B 26 10.14 24.19 -9.46
N VAL B 27 9.87 22.88 -9.48
CA VAL B 27 9.22 22.23 -8.33
C VAL B 27 10.08 22.25 -7.05
N GLN B 28 11.34 21.89 -7.16
CA GLN B 28 12.24 21.94 -6.00
C GLN B 28 12.43 23.34 -5.43
N TYR B 29 12.60 24.32 -6.32
CA TYR B 29 12.84 25.68 -5.90
C TYR B 29 11.62 26.16 -5.11
N ASN B 30 10.44 26.01 -5.70
CA ASN B 30 9.22 26.45 -5.04
C ASN B 30 8.93 25.76 -3.72
N MSE B 31 9.26 24.48 -3.63
CA MSE B 31 9.00 23.72 -2.40
C MSE B 31 9.89 24.23 -1.30
O MSE B 31 9.44 24.31 -0.13
CB MSE B 31 9.21 22.20 -2.57
CG MSE B 31 9.05 21.40 -1.27
SE MSE B 31 7.46 21.76 -0.19
CE MSE B 31 6.25 21.05 -1.53
N VAL B 32 11.12 24.60 -1.64
CA VAL B 32 12.04 25.13 -0.65
C VAL B 32 11.57 26.51 -0.20
N GLU B 33 11.00 27.30 -1.10
CA GLU B 33 10.39 28.61 -0.69
C GLU B 33 9.14 28.43 0.19
N GLU B 34 8.32 27.44 -0.14
CA GLU B 34 7.14 27.13 0.66
C GLU B 34 7.56 26.72 2.07
N MSE B 35 8.56 25.83 2.16
CA MSE B 35 9.08 25.40 3.48
C MSE B 35 9.64 26.61 4.27
O MSE B 35 9.42 26.76 5.48
CB MSE B 35 10.14 24.31 3.33
CG MSE B 35 9.65 22.93 2.83
SE MSE B 35 8.62 22.02 4.18
CE MSE B 35 10.00 21.49 5.46
N ALA B 36 10.35 27.50 3.55
CA ALA B 36 10.88 28.73 4.12
C ALA B 36 9.80 29.52 4.83
N LYS B 37 8.72 29.85 4.13
CA LYS B 37 7.56 30.55 4.72
C LYS B 37 7.00 29.87 5.96
N GLU B 38 6.86 28.54 5.88
CA GLU B 38 6.25 27.75 6.95
C GLU B 38 7.05 27.87 8.24
N TYR B 39 8.38 27.85 8.12
CA TYR B 39 9.23 27.97 9.29
C TYR B 39 9.17 29.40 9.86
N GLU B 40 9.09 30.39 8.97
CA GLU B 40 8.93 31.79 9.37
C GLU B 40 7.66 31.95 10.22
N GLU B 41 6.53 31.47 9.67
CA GLU B 41 5.23 31.57 10.35
C GLU B 41 5.25 30.84 11.69
N GLU B 42 5.89 29.67 11.72
CA GLU B 42 6.08 28.96 12.99
C GLU B 42 6.80 29.88 13.95
N ASN B 43 8.00 30.32 13.57
CA ASN B 43 8.87 31.14 14.45
C ASN B 43 8.16 32.32 15.16
N LYS B 44 7.11 32.88 14.55
CA LYS B 44 6.27 33.91 15.16
C LYS B 44 5.51 33.38 16.40
N ILE B 45 4.49 32.55 16.17
CA ILE B 45 3.68 31.97 17.25
C ILE B 45 4.51 31.65 18.50
N THR B 53 11.21 29.25 24.83
CA THR B 53 10.94 27.83 25.04
C THR B 53 11.18 26.98 23.77
N LYS B 54 10.48 27.29 22.68
CA LYS B 54 10.71 26.61 21.40
C LYS B 54 12.04 27.07 20.77
N VAL B 55 12.88 26.11 20.37
CA VAL B 55 14.08 26.42 19.57
C VAL B 55 13.60 26.96 18.23
N LYS B 56 14.27 27.98 17.72
CA LYS B 56 13.91 28.57 16.44
C LYS B 56 14.82 27.99 15.37
N GLN B 57 14.27 27.82 14.17
CA GLN B 57 14.99 27.35 12.96
C GLN B 57 14.47 28.05 11.71
N THR B 58 15.38 28.44 10.80
CA THR B 58 15.03 29.05 9.51
C THR B 58 15.66 28.29 8.31
N ILE B 59 15.07 28.47 7.14
CA ILE B 59 15.62 27.90 5.90
C ILE B 59 16.38 28.98 5.17
N LYS B 60 17.65 28.71 4.89
CA LYS B 60 18.47 29.51 3.98
C LYS B 60 18.50 28.84 2.61
N HIS B 61 17.72 29.36 1.66
CA HIS B 61 17.66 28.82 0.31
C HIS B 61 18.88 29.26 -0.49
N VAL B 62 19.76 28.32 -0.81
CA VAL B 62 20.99 28.63 -1.51
C VAL B 62 20.76 28.23 -2.96
N VAL B 63 20.87 29.17 -3.92
CA VAL B 63 20.53 28.89 -5.30
C VAL B 63 21.82 28.78 -6.09
N LEU B 64 22.01 27.68 -6.79
CA LEU B 64 23.22 27.50 -7.57
C LEU B 64 23.11 28.45 -8.78
N PRO B 65 24.27 28.87 -9.32
CA PRO B 65 24.27 29.76 -10.49
C PRO B 65 23.68 29.01 -11.65
N GLU B 66 23.19 29.74 -12.64
CA GLU B 66 22.48 29.10 -13.74
C GLU B 66 23.46 28.16 -14.42
N ASN B 67 22.96 27.02 -14.90
CA ASN B 67 23.75 26.05 -15.60
C ASN B 67 25.03 25.68 -14.85
N PHE B 68 24.86 25.33 -13.57
CA PHE B 68 25.98 25.21 -12.66
C PHE B 68 27.04 24.16 -13.07
N THR B 69 26.66 23.12 -13.81
CA THR B 69 27.62 22.06 -14.17
C THR B 69 28.63 22.52 -15.23
N SER B 70 28.45 23.75 -15.75
CA SER B 70 29.45 24.37 -16.59
C SER B 70 30.59 24.95 -15.76
N ASN B 71 30.44 25.01 -14.45
CA ASN B 71 31.53 25.46 -13.60
C ASN B 71 31.38 24.86 -12.23
N ILE B 72 31.73 23.58 -12.15
CA ILE B 72 31.42 22.81 -10.98
C ILE B 72 32.17 23.31 -9.73
N ASP B 73 33.39 23.80 -9.91
CA ASP B 73 34.16 24.31 -8.79
C ASP B 73 33.57 25.57 -8.14
N SER B 74 32.96 26.47 -8.92
CA SER B 74 32.30 27.67 -8.36
C SER B 74 30.99 27.29 -7.65
N ALA B 75 30.29 26.27 -8.16
CA ALA B 75 29.12 25.73 -7.47
C ALA B 75 29.54 25.09 -6.14
N ILE B 76 30.57 24.24 -6.18
CA ILE B 76 31.14 23.64 -4.97
C ILE B 76 31.50 24.72 -3.94
N ASN B 77 32.22 25.77 -4.38
CA ASN B 77 32.64 26.82 -3.43
CA ASN B 77 32.63 26.82 -3.44
C ASN B 77 31.45 27.53 -2.78
N LYS B 78 30.38 27.77 -3.54
CA LYS B 78 29.19 28.40 -2.97
C LYS B 78 28.64 27.57 -1.80
N ILE B 79 28.74 26.25 -1.91
CA ILE B 79 28.24 25.36 -0.85
C ILE B 79 29.21 25.33 0.35
N VAL B 80 30.51 25.24 0.06
CA VAL B 80 31.50 25.05 1.12
C VAL B 80 31.52 26.28 2.06
N LYS B 81 31.28 27.46 1.51
CA LYS B 81 31.18 28.70 2.30
C LYS B 81 30.05 28.72 3.32
N LEU B 82 29.05 27.86 3.12
CA LEU B 82 27.99 27.67 4.11
C LEU B 82 28.56 27.28 5.47
N ALA B 83 29.66 26.52 5.47
CA ALA B 83 30.35 26.12 6.71
C ALA B 83 30.77 27.33 7.57
N ASP B 84 31.01 28.48 6.92
CA ASP B 84 31.40 29.70 7.63
C ASP B 84 30.27 30.36 8.46
N ASP B 85 29.02 29.96 8.25
CA ASP B 85 27.89 30.52 9.01
C ASP B 85 27.66 29.67 10.25
N LYS B 86 27.87 30.27 11.41
CA LYS B 86 27.82 29.54 12.66
C LYS B 86 26.45 29.00 13.02
N GLU B 87 25.39 29.62 12.47
CA GLU B 87 24.03 29.17 12.73
C GLU B 87 23.59 27.99 11.80
N VAL B 88 24.29 27.77 10.68
CA VAL B 88 24.01 26.62 9.79
C VAL B 88 24.37 25.32 10.51
N GLN B 89 23.39 24.44 10.71
CA GLN B 89 23.62 23.17 11.39
C GLN B 89 23.24 21.96 10.53
N ALA B 90 22.65 22.19 9.35
CA ALA B 90 22.43 21.15 8.38
C ALA B 90 22.42 21.74 6.98
N ILE B 91 22.90 20.94 6.03
CA ILE B 91 22.87 21.29 4.62
C ILE B 91 22.15 20.17 3.88
N VAL B 92 21.08 20.52 3.17
CA VAL B 92 20.32 19.65 2.28
C VAL B 92 20.61 20.11 0.82
N VAL B 93 20.90 19.16 -0.06
CA VAL B 93 21.18 19.44 -1.49
C VAL B 93 20.14 18.68 -2.29
N SER B 94 19.44 19.39 -3.18
CA SER B 94 18.43 18.78 -4.04
C SER B 94 18.68 19.10 -5.52
N THR B 95 19.25 18.13 -6.22
CA THR B 95 19.47 18.20 -7.65
C THR B 95 19.62 16.79 -8.26
N ASP B 96 19.17 16.61 -9.50
CA ASP B 96 19.41 15.33 -10.22
C ASP B 96 20.80 15.25 -10.82
N GLN B 97 21.59 16.31 -10.76
CA GLN B 97 22.90 16.32 -11.42
C GLN B 97 23.97 15.93 -10.42
N ALA B 98 25.09 15.45 -10.94
CA ALA B 98 26.21 14.96 -10.12
C ALA B 98 27.30 16.03 -10.08
N GLY B 99 28.27 15.87 -9.16
CA GLY B 99 29.43 16.73 -9.12
C GLY B 99 29.61 17.55 -7.85
N LEU B 100 28.55 17.73 -7.07
CA LEU B 100 28.62 18.54 -5.84
C LEU B 100 29.09 17.78 -4.60
N LEU B 101 29.27 16.46 -4.70
CA LEU B 101 29.69 15.66 -3.55
C LEU B 101 30.95 16.18 -2.83
N PRO B 102 31.98 16.60 -3.58
CA PRO B 102 33.17 17.14 -2.87
C PRO B 102 32.87 18.32 -1.93
N ALA B 103 31.86 19.14 -2.25
CA ALA B 103 31.45 20.21 -1.36
C ALA B 103 31.05 19.69 0.02
N LEU B 104 30.29 18.61 0.04
CA LEU B 104 29.78 18.05 1.29
C LEU B 104 30.88 17.28 2.02
N GLN B 105 31.84 16.69 1.30
CA GLN B 105 33.05 16.15 1.95
C GLN B 105 33.83 17.27 2.62
N LYS B 106 34.06 18.37 1.89
CA LYS B 106 34.78 19.52 2.46
C LYS B 106 34.05 20.08 3.69
N VAL B 107 32.73 20.22 3.60
CA VAL B 107 31.97 20.79 4.71
C VAL B 107 32.14 19.95 5.98
N LYS B 108 32.15 18.63 5.81
CA LYS B 108 32.25 17.73 6.95
C LYS B 108 33.61 17.75 7.60
N GLU B 109 34.68 17.96 6.82
CA GLU B 109 36.00 18.00 7.44
C GLU B 109 36.24 19.34 8.17
N LYS B 110 35.64 20.42 7.69
CA LYS B 110 35.68 21.71 8.41
C LYS B 110 34.82 21.62 9.68
N ARG B 111 33.62 21.05 9.57
CA ARG B 111 32.63 21.09 10.65
C ARG B 111 31.84 19.78 10.73
N PRO B 112 32.43 18.76 11.37
CA PRO B 112 31.88 17.39 11.50
C PRO B 112 30.43 17.29 11.98
N GLU B 113 29.97 18.33 12.68
CA GLU B 113 28.65 18.29 13.31
C GLU B 113 27.51 18.67 12.37
N ILE B 114 27.80 19.39 11.29
CA ILE B 114 26.77 19.74 10.32
C ILE B 114 26.19 18.45 9.73
N ILE B 115 24.87 18.36 9.70
CA ILE B 115 24.20 17.19 9.13
C ILE B 115 23.99 17.38 7.64
N THR B 116 24.49 16.44 6.85
CA THR B 116 24.39 16.53 5.39
C THR B 116 23.37 15.53 4.84
N ILE B 117 22.51 16.00 3.93
CA ILE B 117 21.42 15.20 3.36
C ILE B 117 21.28 15.44 1.86
N SER B 118 21.32 14.36 1.08
CA SER B 118 21.08 14.40 -0.36
C SER B 118 19.62 14.06 -0.56
N ALA B 119 18.93 14.83 -1.38
CA ALA B 119 17.48 14.69 -1.53
C ALA B 119 16.88 15.19 -2.84
N PRO B 120 17.25 14.58 -3.97
CA PRO B 120 18.38 13.68 -4.25
C PRO B 120 19.64 14.45 -4.60
N MSE B 121 20.74 13.73 -4.80
CA MSE B 121 21.86 14.21 -5.56
C MSE B 121 22.13 13.18 -6.66
O MSE B 121 21.84 12.01 -6.48
CB MSE B 121 23.11 14.40 -4.70
CG MSE B 121 23.04 15.67 -3.89
SE MSE B 121 24.36 15.77 -2.49
CE MSE B 121 25.96 15.97 -3.54
N GLY B 122 22.69 13.63 -7.77
CA GLY B 122 22.94 12.76 -8.92
C GLY B 122 24.19 11.89 -8.88
N ASP B 123 24.97 12.04 -7.83
CA ASP B 123 26.24 11.34 -7.75
C ASP B 123 26.03 9.84 -7.52
N ASP B 124 27.11 9.10 -7.75
CA ASP B 124 27.18 7.68 -7.49
C ASP B 124 26.59 7.36 -6.13
N LYS B 125 25.62 6.44 -6.08
CA LYS B 125 24.88 6.12 -4.86
C LYS B 125 25.77 5.54 -3.73
N ASN B 126 26.78 4.74 -4.04
CA ASN B 126 27.69 4.21 -3.02
CA ASN B 126 27.69 4.22 -2.98
C ASN B 126 28.57 5.32 -2.41
N GLN B 127 29.02 6.24 -3.26
CA GLN B 127 29.81 7.38 -2.78
C GLN B 127 28.95 8.30 -1.91
N LEU B 128 27.72 8.58 -2.32
CA LEU B 128 26.79 9.36 -1.49
C LEU B 128 26.68 8.72 -0.08
N SER B 129 26.46 7.43 0.00
CA SER B 129 26.38 6.72 1.29
C SER B 129 27.65 6.84 2.14
N GLN B 130 28.80 6.79 1.47
CA GLN B 130 30.08 6.83 2.17
C GLN B 130 30.35 8.21 2.77
N PHE B 131 29.96 9.27 2.05
CA PHE B 131 30.40 10.61 2.42
C PHE B 131 29.32 11.59 2.84
N VAL B 132 28.04 11.22 2.65
CA VAL B 132 26.91 12.08 3.05
C VAL B 132 26.08 11.37 4.11
N ASP B 133 25.68 12.08 5.18
CA ASP B 133 25.03 11.44 6.34
C ASP B 133 23.73 10.67 6.02
N VAL B 134 22.78 11.34 5.39
CA VAL B 134 21.47 10.74 5.07
C VAL B 134 21.24 11.00 3.58
N ASN B 135 20.80 9.97 2.87
CA ASN B 135 20.59 10.02 1.44
C ASN B 135 19.23 9.49 1.06
N LEU B 136 18.45 10.34 0.39
CA LEU B 136 17.11 10.02 -0.04
C LEU B 136 17.02 10.07 -1.56
N GLY B 137 16.35 9.08 -2.14
CA GLY B 137 16.11 9.08 -3.58
C GLY B 137 15.13 8.02 -4.07
N VAL B 138 15.26 7.65 -5.34
CA VAL B 138 14.36 6.70 -5.98
C VAL B 138 15.15 5.54 -6.57
N SER B 139 14.54 4.36 -6.49
CA SER B 139 15.08 3.16 -7.07
C SER B 139 14.29 2.82 -8.33
N ALA B 140 14.95 2.86 -9.49
CA ALA B 140 14.36 2.45 -10.76
C ALA B 140 13.81 1.03 -10.65
N GLU B 141 14.55 0.13 -10.01
CA GLU B 141 14.12 -1.26 -9.85
C GLU B 141 12.81 -1.43 -9.02
N GLU B 142 12.74 -0.78 -7.86
CA GLU B 142 11.54 -0.83 -7.02
CA GLU B 142 11.53 -0.85 -7.02
C GLU B 142 10.35 -0.16 -7.74
N ARG B 143 10.62 0.91 -8.47
CA ARG B 143 9.64 1.64 -9.24
C ARG B 143 8.99 0.70 -10.26
N GLY B 144 9.78 -0.10 -10.95
CA GLY B 144 9.19 -0.97 -11.98
C GLY B 144 8.30 -2.06 -11.43
N LYS B 145 8.69 -2.62 -10.28
CA LYS B 145 7.89 -3.64 -9.64
C LYS B 145 6.54 -3.06 -9.25
N VAL B 146 6.55 -1.91 -8.63
CA VAL B 146 5.32 -1.32 -8.10
C VAL B 146 4.40 -0.87 -9.21
N LEU B 147 4.98 -0.33 -10.28
CA LEU B 147 4.24 0.08 -11.47
C LEU B 147 3.49 -1.12 -12.11
N ALA B 148 4.18 -2.25 -12.28
CA ALA B 148 3.55 -3.49 -12.76
C ALA B 148 2.37 -3.92 -11.87
N GLU B 149 2.60 -3.95 -10.56
CA GLU B 149 1.58 -4.39 -9.60
C GLU B 149 0.38 -3.45 -9.58
N ARG B 150 0.66 -2.13 -9.60
CA ARG B 150 -0.43 -1.13 -9.57
C ARG B 150 -1.25 -1.19 -10.84
N SER B 151 -0.61 -1.53 -11.95
CA SER B 151 -1.29 -1.71 -13.23
CA SER B 151 -1.36 -1.67 -13.18
C SER B 151 -2.25 -2.92 -13.12
N LYS B 152 -1.73 -4.05 -12.60
CA LYS B 152 -2.50 -5.28 -12.46
C LYS B 152 -3.72 -5.00 -11.56
N GLU B 153 -3.51 -4.21 -10.53
CA GLU B 153 -4.56 -3.97 -9.53
C GLU B 153 -5.70 -3.12 -10.09
N MSE B 154 -5.38 -2.27 -11.06
CA MSE B 154 -6.36 -1.45 -11.75
C MSE B 154 -7.07 -2.19 -12.87
O MSE B 154 -7.96 -1.64 -13.52
CB MSE B 154 -5.72 -0.16 -12.26
CG MSE B 154 -5.19 0.70 -11.10
SE MSE B 154 -4.13 2.16 -11.80
CE MSE B 154 -5.60 3.18 -12.46
N GLY B 155 -6.70 -3.45 -13.08
CA GLY B 155 -7.40 -4.32 -13.99
C GLY B 155 -6.72 -4.54 -15.33
N ALA B 156 -5.43 -4.17 -15.46
CA ALA B 156 -4.75 -4.32 -16.74
C ALA B 156 -4.63 -5.79 -17.19
N LYS B 157 -4.97 -6.00 -18.45
CA LYS B 157 -4.82 -7.30 -19.13
C LYS B 157 -3.59 -7.33 -20.05
N ALA B 158 -2.97 -6.18 -20.24
CA ALA B 158 -1.67 -6.13 -20.90
C ALA B 158 -0.96 -4.85 -20.44
N PHE B 159 0.36 -4.84 -20.53
CA PHE B 159 1.18 -3.67 -20.19
C PHE B 159 2.00 -3.29 -21.40
N ILE B 160 1.78 -2.08 -21.94
CA ILE B 160 2.53 -1.60 -23.10
C ILE B 160 3.55 -0.58 -22.64
N HIS B 161 4.82 -0.84 -22.94
CA HIS B 161 5.95 0.04 -22.60
C HIS B 161 6.52 0.71 -23.86
N TYR B 162 6.49 2.04 -23.90
CA TYR B 162 7.06 2.81 -25.01
C TYR B 162 8.33 3.53 -24.59
N ALA B 163 9.41 3.34 -25.38
CA ALA B 163 10.73 3.99 -25.18
C ALA B 163 11.49 3.92 -26.50
N SER B 164 12.34 4.91 -26.74
CA SER B 164 13.19 4.90 -27.94
C SER B 164 14.43 4.10 -27.62
N THR B 165 15.15 3.71 -28.65
CA THR B 165 16.43 2.98 -28.56
C THR B 165 17.44 3.78 -27.74
N ASP B 166 17.49 5.09 -27.95
CA ASP B 166 18.39 5.95 -27.17
C ASP B 166 17.95 6.04 -25.70
N ASP B 167 16.64 6.15 -25.48
CA ASP B 167 16.06 6.10 -24.13
C ASP B 167 16.54 4.87 -23.35
N LEU B 168 16.57 3.72 -24.03
CA LEU B 168 16.97 2.46 -23.39
C LEU B 168 18.45 2.42 -22.98
N LYS B 169 19.25 3.38 -23.45
CA LYS B 169 20.64 3.51 -23.03
C LYS B 169 20.77 4.17 -21.67
N ASP B 170 19.70 4.80 -21.16
CA ASP B 170 19.76 5.37 -19.83
C ASP B 170 19.70 4.20 -18.83
N VAL B 171 20.63 4.17 -17.89
CA VAL B 171 20.73 3.03 -16.97
CA VAL B 171 20.75 3.05 -16.92
C VAL B 171 19.45 2.85 -16.13
N ASN B 172 18.81 3.95 -15.78
CA ASN B 172 17.62 3.91 -14.95
C ASN B 172 16.36 3.48 -15.69
N ILE B 173 16.20 3.99 -16.91
CA ILE B 173 15.07 3.59 -17.78
C ILE B 173 15.17 2.10 -18.06
N ALA B 174 16.38 1.62 -18.34
CA ALA B 174 16.61 0.20 -18.63
C ALA B 174 16.36 -0.73 -17.44
N LYS B 175 16.83 -0.35 -16.26
CA LYS B 175 16.58 -1.12 -15.03
C LYS B 175 15.09 -1.19 -14.69
N ARG B 176 14.40 -0.05 -14.74
CA ARG B 176 12.97 -0.06 -14.50
C ARG B 176 12.26 -1.02 -15.50
N LEU B 177 12.58 -0.92 -16.79
CA LEU B 177 12.01 -1.80 -17.82
C LEU B 177 12.24 -3.26 -17.46
N GLU B 178 13.47 -3.59 -17.06
CA GLU B 178 13.80 -4.95 -16.75
C GLU B 178 12.89 -5.48 -15.60
N MSE B 179 12.64 -4.66 -14.58
CA MSE B 179 11.84 -5.06 -13.42
CA MSE B 179 11.87 -5.14 -13.46
C MSE B 179 10.35 -5.05 -13.72
O MSE B 179 9.60 -5.85 -13.16
CB MSE B 179 12.10 -4.14 -12.19
CB MSE B 179 12.32 -4.44 -12.18
CG MSE B 179 11.43 -4.66 -10.88
CG MSE B 179 13.85 -4.41 -12.03
SE MSE B 179 11.73 -6.56 -10.50
SE MSE B 179 14.84 -6.10 -11.82
CE MSE B 179 13.63 -6.44 -10.71
CE MSE B 179 14.19 -7.16 -13.30
N ILE B 180 9.91 -4.13 -14.56
CA ILE B 180 8.51 -4.19 -15.04
C ILE B 180 8.25 -5.54 -15.75
N LYS B 181 9.18 -5.93 -16.64
CA LYS B 181 9.09 -7.18 -17.37
C LYS B 181 9.07 -8.40 -16.43
N GLU B 182 10.01 -8.44 -15.47
CA GLU B 182 10.12 -9.53 -14.50
CA GLU B 182 10.08 -9.58 -14.55
C GLU B 182 8.85 -9.65 -13.64
N THR B 183 8.39 -8.53 -13.16
CA THR B 183 7.21 -8.53 -12.28
C THR B 183 5.97 -8.94 -13.08
N CYS B 184 5.85 -8.42 -14.29
CA CYS B 184 4.71 -8.78 -15.14
C CYS B 184 4.66 -10.31 -15.35
N LYS B 185 5.83 -10.94 -15.56
CA LYS B 185 5.90 -12.38 -15.64
C LYS B 185 5.37 -13.07 -14.37
N ASN B 186 5.80 -12.59 -13.21
CA ASN B 186 5.43 -13.20 -11.93
C ASN B 186 3.95 -13.09 -11.65
N ILE B 187 3.30 -12.04 -12.16
CA ILE B 187 1.88 -11.80 -11.85
C ILE B 187 0.90 -12.07 -12.98
N GLY B 188 1.41 -12.65 -14.06
CA GLY B 188 0.58 -13.06 -15.18
C GLY B 188 -0.03 -11.87 -15.91
N LEU B 189 0.76 -10.80 -16.05
CA LEU B 189 0.34 -9.62 -16.81
C LEU B 189 1.11 -9.59 -18.13
N PRO B 190 0.44 -9.85 -19.27
CA PRO B 190 1.13 -9.79 -20.56
C PRO B 190 1.82 -8.45 -20.80
N PHE B 191 3.03 -8.52 -21.31
CA PHE B 191 3.93 -7.38 -21.42
C PHE B 191 4.38 -7.19 -22.85
N VAL B 192 4.22 -5.95 -23.36
CA VAL B 192 4.61 -5.61 -24.74
C VAL B 192 5.56 -4.41 -24.75
N GLN B 193 6.80 -4.62 -25.19
CA GLN B 193 7.74 -3.53 -25.40
C GLN B 193 7.74 -3.07 -26.88
N VAL B 194 7.66 -1.76 -27.12
CA VAL B 194 7.58 -1.19 -28.48
C VAL B 194 8.61 -0.06 -28.52
N ASN B 195 9.52 -0.12 -29.49
CA ASN B 195 10.49 0.94 -29.74
C ASN B 195 9.86 2.12 -30.49
N THR B 196 10.04 3.31 -29.94
CA THR B 196 9.55 4.54 -30.56
C THR B 196 10.73 5.19 -31.25
N PRO B 197 10.47 6.09 -32.20
CA PRO B 197 11.59 6.77 -32.87
C PRO B 197 12.43 7.69 -31.95
N ASN B 198 13.72 7.75 -32.21
CA ASN B 198 14.61 8.66 -31.47
C ASN B 198 14.26 10.16 -31.62
N ILE B 199 14.36 10.87 -30.52
CA ILE B 199 14.22 12.31 -30.50
C ILE B 199 15.60 12.93 -30.35
N ASN B 200 16.07 13.54 -31.45
CA ASN B 200 17.32 14.32 -31.48
C ASN B 200 17.08 15.81 -31.71
N THR B 201 16.07 16.13 -32.52
CA THR B 201 15.69 17.53 -32.80
C THR B 201 14.28 17.78 -32.22
N GLU B 202 13.83 19.03 -32.28
CA GLU B 202 12.49 19.39 -31.80
C GLU B 202 11.40 18.84 -32.71
N GLU B 203 11.67 18.83 -34.02
CA GLU B 203 10.70 18.36 -35.04
C GLU B 203 10.50 16.85 -35.06
N ASP B 204 11.42 16.09 -34.44
CA ASP B 204 11.24 14.64 -34.27
C ASP B 204 10.09 14.28 -33.36
N LYS B 205 9.72 15.18 -32.45
CA LYS B 205 8.64 14.92 -31.53
C LYS B 205 7.37 14.58 -32.29
N ASN B 206 7.15 15.27 -33.41
CA ASN B 206 5.96 14.98 -34.21
C ASN B 206 5.93 13.53 -34.73
N LYS B 207 7.10 12.99 -35.08
CA LYS B 207 7.17 11.60 -35.58
C LYS B 207 6.80 10.64 -34.45
N VAL B 208 7.24 10.96 -33.24
CA VAL B 208 6.90 10.16 -32.09
C VAL B 208 5.39 10.22 -31.81
N LYS B 209 4.79 11.40 -31.87
CA LYS B 209 3.33 11.54 -31.75
C LYS B 209 2.56 10.66 -32.75
N GLN B 210 2.85 10.83 -34.02
CA GLN B 210 2.23 10.02 -35.05
C GLN B 210 2.44 8.53 -34.81
N PHE B 211 3.65 8.15 -34.44
CA PHE B 211 3.94 6.75 -34.15
C PHE B 211 3.11 6.21 -33.01
N LEU B 212 3.09 6.95 -31.89
CA LEU B 212 2.34 6.53 -30.73
C LEU B 212 0.83 6.43 -30.98
N ASN B 213 0.22 7.45 -31.58
CA ASN B 213 -1.22 7.38 -31.83
C ASN B 213 -1.63 6.15 -32.67
N GLU B 214 -0.82 5.82 -33.67
CA GLU B 214 -1.13 4.70 -34.55
C GLU B 214 -0.97 3.40 -33.76
N ASP B 215 0.14 3.29 -33.02
CA ASP B 215 0.44 2.05 -32.31
C ASP B 215 -0.48 1.77 -31.14
N ILE B 216 -0.85 2.81 -30.40
CA ILE B 216 -1.81 2.66 -29.30
C ILE B 216 -3.13 2.15 -29.82
N GLU B 217 -3.59 2.68 -30.95
CA GLU B 217 -4.77 2.15 -31.61
C GLU B 217 -4.67 0.63 -31.87
N LYS B 218 -3.53 0.21 -32.41
CA LYS B 218 -3.26 -1.22 -32.68
CA LYS B 218 -3.28 -1.23 -32.68
C LYS B 218 -3.33 -2.08 -31.40
N GLN B 219 -2.72 -1.62 -30.33
CA GLN B 219 -2.70 -2.38 -29.06
C GLN B 219 -4.11 -2.52 -28.47
N VAL B 220 -4.89 -1.44 -28.53
CA VAL B 220 -6.27 -1.50 -28.04
C VAL B 220 -7.14 -2.41 -28.91
N LYS B 221 -6.93 -2.40 -30.22
CA LYS B 221 -7.65 -3.35 -31.09
C LYS B 221 -7.27 -4.78 -30.73
N LYS B 222 -5.99 -5.06 -30.50
CA LYS B 222 -5.55 -6.42 -30.18
C LYS B 222 -6.03 -6.88 -28.79
N TYR B 223 -5.79 -6.04 -27.79
CA TYR B 223 -6.02 -6.44 -26.39
C TYR B 223 -7.32 -5.92 -25.78
N GLY B 224 -8.01 -5.03 -26.48
CA GLY B 224 -9.16 -4.36 -25.86
C GLY B 224 -8.70 -3.20 -24.99
N LYS B 225 -9.65 -2.47 -24.42
CA LYS B 225 -9.29 -1.26 -23.70
C LYS B 225 -8.71 -1.48 -22.29
N ASP B 226 -8.83 -2.66 -21.68
CA ASP B 226 -8.37 -2.86 -20.34
C ASP B 226 -6.85 -3.24 -20.34
N ILE B 227 -6.03 -2.29 -20.79
CA ILE B 227 -4.58 -2.41 -20.86
C ILE B 227 -3.97 -1.13 -20.25
N ASN B 228 -2.80 -1.28 -19.65
CA ASN B 228 -2.01 -0.14 -19.16
C ASN B 228 -1.01 0.29 -20.21
N VAL B 229 -0.97 1.61 -20.48
CA VAL B 229 -0.01 2.21 -21.40
C VAL B 229 0.95 3.11 -20.59
N PHE B 230 2.24 2.90 -20.82
CA PHE B 230 3.30 3.65 -20.15
C PHE B 230 4.39 4.15 -21.10
N GLY B 231 4.81 5.39 -20.89
CA GLY B 231 5.86 6.03 -21.65
C GLY B 231 6.90 6.63 -20.72
N VAL B 232 8.04 7.02 -21.27
CA VAL B 232 9.24 7.30 -20.44
C VAL B 232 9.64 8.80 -20.37
N ASN B 233 8.82 9.69 -20.95
CA ASN B 233 9.06 11.13 -20.80
C ASN B 233 7.77 11.89 -20.90
N GLU B 234 7.81 13.18 -20.58
CA GLU B 234 6.58 13.99 -20.51
C GLU B 234 5.86 14.15 -21.84
N TYR B 235 6.62 14.24 -22.93
CA TYR B 235 6.01 14.36 -24.24
C TYR B 235 5.14 13.12 -24.53
N MSE B 236 5.69 11.95 -24.26
CA MSE B 236 4.94 10.69 -24.40
C MSE B 236 3.75 10.62 -23.47
O MSE B 236 2.69 10.18 -23.89
CB MSE B 236 5.82 9.48 -24.13
CG MSE B 236 6.87 9.20 -25.17
SE MSE B 236 7.55 7.39 -24.91
CE MSE B 236 9.18 7.43 -25.88
N ASP B 237 3.90 11.10 -22.23
CA ASP B 237 2.79 11.12 -21.29
C ASP B 237 1.62 11.93 -21.87
N GLU B 238 1.93 13.04 -22.53
CA GLU B 238 0.92 13.92 -23.10
C GLU B 238 0.15 13.21 -24.23
N VAL B 239 0.89 12.54 -25.12
CA VAL B 239 0.25 11.76 -26.20
C VAL B 239 -0.60 10.65 -25.58
N ILE B 240 -0.04 9.95 -24.62
CA ILE B 240 -0.69 8.76 -24.02
C ILE B 240 -1.94 9.14 -23.23
N LEU B 241 -1.83 10.19 -22.41
CA LEU B 241 -2.98 10.64 -21.63
C LEU B 241 -4.05 11.20 -22.54
N THR B 242 -3.65 11.97 -23.55
CA THR B 242 -4.64 12.49 -24.50
C THR B 242 -5.43 11.36 -25.16
N LYS B 243 -4.72 10.30 -25.54
CA LYS B 243 -5.35 9.21 -26.26
C LYS B 243 -6.21 8.38 -25.30
N ALA B 244 -5.82 8.33 -24.04
CA ALA B 244 -6.59 7.62 -23.00
C ALA B 244 -7.99 8.19 -22.88
N LEU B 245 -8.11 9.50 -23.02
CA LEU B 245 -9.42 10.15 -22.97
C LEU B 245 -10.35 9.66 -24.08
N GLU B 246 -9.79 9.28 -25.22
CA GLU B 246 -10.57 8.80 -26.36
C GLU B 246 -10.89 7.30 -26.27
N LEU B 247 -9.87 6.48 -25.99
CA LEU B 247 -9.98 5.01 -26.00
C LEU B 247 -10.25 4.37 -24.63
N LYS B 248 -10.08 5.15 -23.57
CA LYS B 248 -10.49 4.81 -22.22
C LYS B 248 -9.73 3.61 -21.66
N TYR B 249 -8.43 3.55 -21.94
CA TYR B 249 -7.60 2.52 -21.36
C TYR B 249 -7.08 2.97 -19.99
N ILE B 250 -6.02 2.35 -19.51
CA ILE B 250 -5.50 2.61 -18.16
C ILE B 250 -4.13 3.26 -18.32
N VAL B 251 -3.87 4.29 -17.51
CA VAL B 251 -2.53 4.90 -17.41
C VAL B 251 -2.24 4.99 -15.92
N ALA B 252 -1.65 3.93 -15.40
CA ALA B 252 -1.37 3.83 -13.96
C ALA B 252 -0.51 4.98 -13.48
N GLU B 253 0.50 5.33 -14.28
CA GLU B 253 1.48 6.35 -13.92
C GLU B 253 2.06 7.05 -15.15
N GLN B 254 2.38 8.33 -14.97
CA GLN B 254 3.26 9.06 -15.86
C GLN B 254 4.64 8.53 -15.71
N SER B 255 5.47 8.77 -16.72
CA SER B 255 6.91 8.58 -16.66
C SER B 255 7.46 8.89 -15.28
N ASN B 256 7.13 10.08 -14.79
CA ASN B 256 7.28 10.49 -13.39
C ASN B 256 5.99 11.13 -12.91
N PRO B 257 5.35 10.55 -11.93
CA PRO B 257 4.06 11.13 -11.52
C PRO B 257 4.18 12.59 -11.05
N SER B 258 3.32 13.45 -11.59
CA SER B 258 3.17 14.82 -11.15
C SER B 258 1.78 15.37 -11.54
N PRO B 259 1.06 15.94 -10.58
CA PRO B 259 -0.18 16.64 -10.95
C PRO B 259 0.01 17.87 -11.82
N ILE B 260 1.20 18.47 -11.82
CA ILE B 260 1.38 19.76 -12.51
C ILE B 260 2.14 19.66 -13.82
N GLN B 261 2.66 18.48 -14.15
CA GLN B 261 3.21 18.25 -15.49
C GLN B 261 2.18 17.48 -16.32
N THR B 262 1.89 17.99 -17.52
CA THR B 262 1.04 17.31 -18.52
C THR B 262 -0.45 17.32 -18.17
N TYR B 263 -0.80 16.85 -16.97
CA TYR B 263 -2.21 16.77 -16.55
C TYR B 263 -3.03 18.06 -16.73
N PRO B 264 -2.48 19.22 -16.33
CA PRO B 264 -3.27 20.43 -16.43
C PRO B 264 -3.67 20.73 -17.87
N SER B 265 -2.76 20.52 -18.80
CA SER B 265 -3.06 20.78 -20.19
C SER B 265 -4.05 19.75 -20.74
N VAL B 266 -3.76 18.46 -20.52
CA VAL B 266 -4.64 17.38 -21.01
C VAL B 266 -6.06 17.51 -20.46
N MSE B 267 -6.18 17.78 -19.17
CA MSE B 267 -7.49 17.86 -18.54
C MSE B 267 -8.16 19.25 -18.66
O MSE B 267 -9.28 19.42 -18.18
CB MSE B 267 -7.39 17.41 -17.08
CG MSE B 267 -6.77 16.03 -16.89
SE MSE B 267 -7.77 14.61 -17.76
CE MSE B 267 -8.27 13.51 -16.23
N GLY B 268 -7.50 20.22 -19.30
CA GLY B 268 -7.99 21.60 -19.38
C GLY B 268 -8.22 22.29 -18.05
N LEU B 269 -7.30 22.14 -17.12
CA LEU B 269 -7.42 22.77 -15.81
C LEU B 269 -6.96 24.23 -15.88
N LYS B 270 -7.62 25.10 -15.13
CA LYS B 270 -7.17 26.48 -14.98
C LYS B 270 -6.65 26.70 -13.56
N ILE B 271 -5.35 26.57 -13.36
CA ILE B 271 -4.75 26.69 -12.04
C ILE B 271 -4.25 28.11 -11.78
N SER B 272 -4.79 28.77 -10.76
CA SER B 272 -4.33 30.11 -10.37
C SER B 272 -2.87 30.08 -9.94
N GLU B 273 -2.17 31.21 -10.05
CA GLU B 273 -0.76 31.27 -9.64
C GLU B 273 -0.70 30.91 -8.14
N LYS B 274 -1.67 31.41 -7.40
CA LYS B 274 -1.85 31.09 -5.98
C LYS B 274 -1.94 29.59 -5.69
N ASP B 275 -2.62 28.84 -6.56
CA ASP B 275 -2.83 27.40 -6.35
C ASP B 275 -1.79 26.57 -7.06
N ALA B 276 -0.94 27.24 -7.82
CA ALA B 276 0.08 26.59 -8.67
C ALA B 276 0.89 25.47 -8.02
N GLN B 277 1.12 25.57 -6.71
CA GLN B 277 1.94 24.60 -5.97
CA GLN B 277 1.93 24.56 -6.00
C GLN B 277 1.09 23.73 -5.04
N ASN B 278 -0.23 23.89 -5.08
CA ASN B 278 -1.13 23.16 -4.18
C ASN B 278 -1.56 21.80 -4.76
N TYR B 279 -0.69 20.80 -4.60
CA TYR B 279 -0.88 19.48 -5.23
C TYR B 279 -2.16 18.80 -4.84
N ASP B 280 -2.57 18.92 -3.57
CA ASP B 280 -3.81 18.32 -3.09
CA ASP B 280 -3.80 18.35 -3.10
C ASP B 280 -5.02 18.90 -3.85
N LYS B 281 -5.05 20.22 -4.04
CA LYS B 281 -6.20 20.87 -4.71
C LYS B 281 -6.25 20.49 -6.17
N ILE B 282 -5.06 20.37 -6.77
CA ILE B 282 -4.92 20.06 -8.18
C ILE B 282 -5.36 18.60 -8.40
N ASN B 283 -4.97 17.70 -7.50
CA ASN B 283 -5.44 16.32 -7.56
C ASN B 283 -6.95 16.23 -7.53
N ASP B 284 -7.60 17.05 -6.70
CA ASP B 284 -9.06 17.04 -6.68
C ASP B 284 -9.59 17.53 -8.03
N MSE B 285 -8.94 18.55 -8.60
CA MSE B 285 -9.33 19.06 -9.92
C MSE B 285 -9.22 17.95 -10.98
O MSE B 285 -10.14 17.77 -11.77
CB MSE B 285 -8.46 20.26 -10.33
CG MSE B 285 -8.67 21.54 -9.53
SE MSE B 285 -7.49 22.97 -10.18
CE MSE B 285 -8.60 23.58 -11.69
N ILE B 286 -8.12 17.22 -10.98
CA ILE B 286 -7.93 16.11 -11.91
C ILE B 286 -9.00 15.01 -11.73
N SER B 287 -9.35 14.68 -10.48
CA SER B 287 -10.41 13.66 -10.26
C SER B 287 -11.77 14.11 -10.81
N GLU B 288 -12.07 15.39 -10.66
CA GLU B 288 -13.36 15.91 -11.18
C GLU B 288 -13.42 15.77 -12.70
N LYS B 289 -12.36 16.18 -13.38
CA LYS B 289 -12.30 15.98 -14.83
C LYS B 289 -12.34 14.50 -15.24
N ALA B 290 -11.61 13.63 -14.50
CA ALA B 290 -11.59 12.19 -14.81
C ALA B 290 -13.01 11.61 -14.77
N LYS B 291 -13.78 12.03 -13.78
CA LYS B 291 -15.16 11.60 -13.65
C LYS B 291 -15.94 12.03 -14.89
N ALA B 292 -15.80 13.30 -15.28
CA ALA B 292 -16.56 13.86 -16.40
C ALA B 292 -16.18 13.19 -17.74
N PHE B 293 -14.97 12.65 -17.83
CA PHE B 293 -14.53 11.91 -19.05
C PHE B 293 -14.80 10.40 -18.98
N GLY B 294 -15.42 9.95 -17.89
CA GLY B 294 -15.71 8.54 -17.72
C GLY B 294 -14.45 7.74 -17.49
N MSE B 295 -13.49 8.32 -16.78
CA MSE B 295 -12.17 7.77 -16.59
C MSE B 295 -11.84 7.57 -15.10
O MSE B 295 -10.68 7.34 -14.75
CB MSE B 295 -11.13 8.71 -17.27
CG MSE B 295 -11.11 8.64 -18.79
SE MSE B 295 -10.51 6.91 -19.29
CE MSE B 295 -8.60 7.20 -19.23
N SER B 296 -12.85 7.59 -14.23
CA SER B 296 -12.63 7.22 -12.83
C SER B 296 -11.99 5.81 -12.70
N ASN B 297 -10.99 5.73 -11.82
CA ASN B 297 -10.29 4.48 -11.50
CA ASN B 297 -10.30 4.47 -11.52
C ASN B 297 -9.44 3.93 -12.66
N ARG B 298 -9.11 4.79 -13.63
CA ARG B 298 -8.26 4.44 -14.80
C ARG B 298 -6.91 5.21 -14.82
N LEU B 299 -6.76 6.24 -13.97
CA LEU B 299 -5.59 7.11 -13.96
C LEU B 299 -5.00 7.21 -12.57
N GLY B 300 -3.68 7.05 -12.48
CA GLY B 300 -3.01 7.10 -11.19
C GLY B 300 -1.77 7.96 -11.11
N GLY B 301 -1.20 7.99 -9.91
CA GLY B 301 0.04 8.73 -9.62
C GLY B 301 0.35 8.69 -8.11
N TYR B 302 0.89 9.79 -7.59
CA TYR B 302 1.20 9.95 -6.20
C TYR B 302 0.45 11.18 -5.65
N PRO B 303 0.43 11.34 -4.32
CA PRO B 303 -0.14 12.58 -3.75
C PRO B 303 0.63 13.84 -4.14
N MSE B 304 1.94 13.75 -4.35
CA MSE B 304 2.75 14.86 -4.84
CA MSE B 304 2.75 14.86 -4.84
C MSE B 304 3.95 14.35 -5.63
O MSE B 304 4.35 13.19 -5.47
CB MSE B 304 3.22 15.71 -3.66
CB MSE B 304 3.18 15.78 -3.69
CG MSE B 304 4.02 14.95 -2.62
CG MSE B 304 4.33 15.26 -2.82
SE MSE B 304 3.93 15.77 -0.87
SE MSE B 304 5.01 16.56 -1.54
CE MSE B 304 5.12 17.28 -1.16
CE MSE B 304 3.36 17.07 -0.65
N PRO B 305 4.54 15.20 -6.49
CA PRO B 305 5.72 14.76 -7.21
C PRO B 305 6.88 14.46 -6.27
N MSE B 306 7.69 13.47 -6.66
CA MSE B 306 8.94 13.19 -5.94
C MSE B 306 9.86 14.40 -5.83
O MSE B 306 10.55 14.57 -4.82
CB MSE B 306 9.67 12.04 -6.61
CG MSE B 306 9.08 10.67 -6.29
SE MSE B 306 9.20 10.30 -4.34
CE MSE B 306 11.03 10.12 -4.18
N ASP B 307 9.89 15.24 -6.86
CA ASP B 307 10.75 16.44 -6.84
C ASP B 307 10.34 17.44 -5.78
N ALA B 308 9.07 17.35 -5.33
CA ALA B 308 8.58 18.10 -4.20
C ALA B 308 8.76 17.37 -2.88
N PHE B 309 8.43 16.07 -2.88
CA PHE B 309 8.46 15.28 -1.66
C PHE B 309 9.89 15.16 -1.08
N LEU B 310 10.86 14.84 -1.91
CA LEU B 310 12.20 14.58 -1.36
C LEU B 310 12.85 15.77 -0.63
N PRO B 311 12.87 16.98 -1.24
CA PRO B 311 13.41 18.12 -0.49
C PRO B 311 12.57 18.53 0.71
N SER B 312 11.25 18.44 0.61
CA SER B 312 10.40 18.65 1.78
C SER B 312 10.69 17.69 2.96
N LEU B 313 10.75 16.40 2.66
CA LEU B 313 11.14 15.42 3.68
C LEU B 313 12.50 15.70 4.26
N ALA B 314 13.50 15.93 3.40
CA ALA B 314 14.88 16.19 3.86
C ALA B 314 14.94 17.39 4.84
N ILE B 315 14.17 18.44 4.57
CA ILE B 315 14.16 19.63 5.41
C ILE B 315 13.53 19.31 6.77
N TYR B 316 12.38 18.64 6.76
CA TYR B 316 11.75 18.20 7.99
C TYR B 316 12.68 17.32 8.81
N LEU B 317 13.33 16.37 8.15
CA LEU B 317 14.21 15.44 8.85
C LEU B 317 15.43 16.12 9.45
N ALA B 318 16.10 16.97 8.66
CA ALA B 318 17.23 17.74 9.16
C ALA B 318 16.88 18.51 10.44
N THR B 319 15.76 19.20 10.42
CA THR B 319 15.27 19.94 11.57
C THR B 319 15.09 19.07 12.83
N GLU B 320 14.40 17.94 12.66
CA GLU B 320 14.19 16.99 13.71
C GLU B 320 15.50 16.49 14.25
N MSE B 321 16.45 16.18 13.37
CA MSE B 321 17.74 15.64 13.80
C MSE B 321 18.57 16.64 14.61
O MSE B 321 19.25 16.23 15.54
CB MSE B 321 18.56 15.19 12.59
CG MSE B 321 17.95 14.02 11.82
SE MSE B 321 18.88 13.58 10.18
CE MSE B 321 20.47 12.69 10.92
N VAL B 322 18.53 17.91 14.24
CA VAL B 322 19.26 18.93 15.02
C VAL B 322 18.58 19.11 16.40
N LYS B 323 17.27 19.31 16.40
CA LYS B 323 16.52 19.46 17.66
C LYS B 323 16.67 18.29 18.63
N GLN B 324 16.71 17.05 18.14
CA GLN B 324 16.74 15.89 19.04
C GLN B 324 18.11 15.22 19.07
N ASP B 325 19.12 15.88 18.51
CA ASP B 325 20.48 15.37 18.58
C ASP B 325 20.55 13.94 17.99
N LEU B 326 19.95 13.75 16.81
CA LEU B 326 19.91 12.44 16.14
C LEU B 326 20.99 12.34 15.08
N THR B 327 21.49 11.12 14.88
CA THR B 327 22.48 10.83 13.84
C THR B 327 21.87 9.95 12.75
N GLN B 328 22.65 9.62 11.72
CA GLN B 328 22.17 8.73 10.65
C GLN B 328 21.68 7.36 11.16
N GLU B 329 22.28 6.84 12.24
CA GLU B 329 21.89 5.52 12.78
C GLU B 329 20.51 5.57 13.39
N ASP B 330 20.12 6.74 13.90
CA ASP B 330 18.80 6.94 14.51
C ASP B 330 17.65 7.02 13.50
N VAL B 331 17.88 7.62 12.34
CA VAL B 331 16.75 7.91 11.42
C VAL B 331 16.76 7.07 10.14
N CYS B 332 17.89 6.47 9.78
CA CYS B 332 17.96 5.69 8.55
C CYS B 332 17.41 4.29 8.73
N ASP B 333 16.07 4.24 8.78
CA ASP B 333 15.31 3.05 9.12
C ASP B 333 13.93 3.17 8.48
N PRO B 334 13.48 2.14 7.74
CA PRO B 334 12.21 2.26 7.01
C PRO B 334 11.02 2.57 7.91
N ASP B 335 10.90 1.91 9.07
CA ASP B 335 9.79 2.22 9.99
C ASP B 335 9.85 3.66 10.52
N TYR B 336 11.03 4.13 10.92
CA TYR B 336 11.16 5.52 11.35
C TYR B 336 10.70 6.48 10.25
N LEU B 337 11.23 6.27 9.06
CA LEU B 337 10.98 7.20 7.95
C LEU B 337 9.53 7.19 7.50
N GLU B 338 8.92 6.01 7.52
CA GLU B 338 7.51 5.86 7.17
C GLU B 338 6.60 6.53 8.18
N ALA B 339 6.90 6.34 9.48
CA ALA B 339 6.18 7.05 10.56
C ALA B 339 6.34 8.58 10.45
N PHE B 340 7.57 9.02 10.21
CA PHE B 340 7.88 10.45 10.07
C PHE B 340 7.15 11.07 8.86
N THR B 341 7.04 10.31 7.77
CA THR B 341 6.26 10.75 6.59
C THR B 341 4.77 10.91 6.90
N GLU B 342 4.20 9.95 7.63
CA GLU B 342 2.83 10.09 8.13
C GLU B 342 2.72 11.36 8.96
N LEU B 343 3.66 11.53 9.89
CA LEU B 343 3.65 12.64 10.84
C LEU B 343 3.63 13.97 10.11
N ARG B 344 4.50 14.11 9.12
CA ARG B 344 4.73 15.42 8.52
C ARG B 344 3.90 15.66 7.24
N PHE B 345 3.41 14.59 6.62
CA PHE B 345 2.68 14.71 5.34
C PHE B 345 1.30 14.02 5.31
N GLY B 346 1.04 13.11 6.25
CA GLY B 346 -0.21 12.35 6.22
C GLY B 346 -0.34 11.49 4.97
N ILE B 347 0.77 10.96 4.49
CA ILE B 347 0.75 10.07 3.33
C ILE B 347 1.52 8.79 3.60
N GLY B 348 1.07 7.72 2.94
CA GLY B 348 1.70 6.41 3.02
C GLY B 348 2.93 6.36 2.14
N SER B 349 3.85 5.47 2.52
CA SER B 349 5.09 5.35 1.82
C SER B 349 5.79 4.01 2.14
N GLU B 350 6.75 3.62 1.30
CA GLU B 350 7.63 2.49 1.64
C GLU B 350 9.08 2.89 1.35
N PHE B 351 9.94 2.74 2.35
CA PHE B 351 11.35 3.07 2.23
C PHE B 351 12.15 1.77 2.20
N THR B 352 13.20 1.75 1.37
CA THR B 352 14.05 0.58 1.20
C THR B 352 15.52 0.96 1.19
N PRO B 353 16.32 0.28 2.02
CA PRO B 353 17.74 0.61 1.99
C PRO B 353 18.38 0.22 0.65
N LEU B 354 19.40 0.98 0.27
CA LEU B 354 20.13 0.69 -0.95
C LEU B 354 20.67 -0.73 -0.94
N THR B 355 21.31 -1.11 0.15
CA THR B 355 21.62 -2.49 0.45
C THR B 355 21.53 -2.57 1.93
N GLU B 356 21.68 -3.78 2.47
CA GLU B 356 21.58 -4.01 3.92
C GLU B 356 22.61 -3.21 4.71
N VAL B 357 23.83 -3.16 4.16
CA VAL B 357 24.93 -2.44 4.81
C VAL B 357 24.85 -0.92 4.54
N LEU B 358 24.44 -0.53 3.33
CA LEU B 358 24.34 0.89 2.97
C LEU B 358 22.97 1.42 3.38
N TYR B 359 22.75 1.40 4.69
CA TYR B 359 21.45 1.66 5.28
C TYR B 359 21.14 3.17 5.29
N ASN B 360 22.16 4.03 5.17
CA ASN B 360 21.93 5.48 5.16
C ASN B 360 21.63 5.98 3.75
N TYR B 361 21.41 5.09 2.79
CA TYR B 361 20.74 5.43 1.54
C TYR B 361 19.39 4.75 1.56
N GLN B 362 18.31 5.53 1.54
CA GLN B 362 16.96 4.99 1.57
C GLN B 362 16.18 5.48 0.30
N SER B 363 15.66 4.53 -0.49
CA SER B 363 14.80 4.88 -1.61
CA SER B 363 14.79 4.79 -1.63
C SER B 363 13.34 4.84 -1.19
N VAL B 364 12.51 5.64 -1.84
CA VAL B 364 11.11 5.74 -1.41
C VAL B 364 10.12 5.66 -2.58
N ILE B 365 9.06 4.90 -2.37
CA ILE B 365 7.88 4.92 -3.24
C ILE B 365 6.70 5.41 -2.41
N LEU B 366 6.00 6.43 -2.90
CA LEU B 366 4.79 6.89 -2.23
C LEU B 366 3.59 6.00 -2.50
N SER B 367 2.64 6.00 -1.57
CA SER B 367 1.39 5.27 -1.78
C SER B 367 0.73 5.76 -3.05
N GLN B 368 -0.13 4.92 -3.61
CA GLN B 368 -0.87 5.19 -4.84
C GLN B 368 -2.01 6.16 -4.63
N LEU B 369 -2.20 7.05 -5.61
CA LEU B 369 -3.39 7.91 -5.69
C LEU B 369 -4.07 7.48 -6.99
N ILE B 370 -5.35 7.22 -6.94
CA ILE B 370 -6.08 6.87 -8.14
C ILE B 370 -7.09 8.00 -8.24
N TYR B 371 -7.16 8.62 -9.41
CA TYR B 371 -7.98 9.81 -9.59
C TYR B 371 -9.40 9.40 -9.75
#